data_3SFY
#
_entry.id   3SFY
#
_cell.length_a   141.159
_cell.length_b   141.159
_cell.length_c   129.635
_cell.angle_alpha   90.00
_cell.angle_beta   90.00
_cell.angle_gamma   90.00
#
_symmetry.space_group_name_H-M   'P 43 21 2'
#
loop_
_entity.id
_entity.type
_entity.pdbx_description
1 polymer 'Cryptococcus neoformans protein farnesyltransferase alpha subunit'
2 polymer 'Cryptococcus neoformans protein farnesyltransferase beta subunit'
3 non-polymer 'ZINC ION'
4 non-polymer '(2R)-3-(cyclohexylamino)-2-hydroxypropane-1-sulfonic acid'
5 non-polymer N-(2-{(4-bromophenyl)[(1-methyl-1H-imidazol-5-yl)methyl]amino}ethyl)-1-methyl-N-(2-methylbenzyl)-1H-imidazole-4-sulfonamide
6 non-polymer '[(3,7,11-TRIMETHYL-DODECA-2,6,10-TRIENYLOXYCARBAMOYL)-METHYL]-PHOSPHONIC ACID'
7 non-polymer 'SULFATE ION'
8 water water
#
loop_
_entity_poly.entity_id
_entity_poly.type
_entity_poly.pdbx_seq_one_letter_code
_entity_poly.pdbx_strand_id
1 'polypeptide(L)'
;MGSSHHHHHHSQLMVTSTYIPMSQRRSWADVKPIMQDDGPNPVVPIMYSEEYKDAMDYFRAIAAKEEKSERALELTEIIV
RMNPAHYTVWQYRFSLLTSLNKSLEDELRLMNEFAVQNLKSYQVWHHRLLLLDRISPQDPVSEIEYIHGSLLPDPKNYHT
WAYLHWLYSHFSTLGRISEAQWGSELDWCNEMLRVDGRNNSAWGWRWYLRVSRPGAETSSRSLQDELIYILKSIHLIPHN
VSAWNYLRGFLKHFSLPLVPILPAILPYTASKLNPDIETVEAFGFPMPSDPLPEDTPLPVPLALEYLADSFIEQNRVDDA
AKVFEKLSSEYDQMRAGYWEFRRRECAEE
;
A
2 'polypeptide(L)'
;MATEFTPSVYSLVSKPLPSNSRPSATLDEQAETEDLISQLFDLTADPNALVSEHGKRYSGLRKQEHTQFLASSFFQLPGK
FVSLDASRPWLVFWTVHSLDLLGVALDQGTKDRVVSTLLHFLSPKGGFGGGPANSQIPHLLPTYASVCSLAIAGNDSSTG
GWKDLAAARQSIYEFFMRCKRPDGGFVVCEGGEVDVRGTYCLLVVATLLDIITPELLHNVDKFVSACQTYEGGFACASFP
FPSVVPSTSAFPTSEPSCRVSMAEAHGGYTSCSLNSHFLLTSVPLPSFPLSIDANAALRWTVLQQGEPIEGGGFRGRTNK
LVDGCYSWWVGGGAPVAEELVRREKSRKVKKSRIEVFEEEKEGDWEDVPPIPPIFNRVALQEFTLVAAQQDPGSTGGLRD
KPGKRPDQYHTCNNLSGLSIAQHKMSHSPSTVSSNRLKFDASKGLPAVKPVAPGGGWKNEDERQNARREIWANALGWIEE
EGGEIIVGGKDNRINTTTPVFNILGLRLKPFINYFYCQEN
;
B
#
# COMPACT_ATOMS: atom_id res chain seq x y z
N THR A 18 40.94 15.67 3.81
CA THR A 18 39.74 16.49 3.51
C THR A 18 39.19 16.12 2.13
N TYR A 19 37.90 16.39 1.94
CA TYR A 19 37.25 16.24 0.65
C TYR A 19 37.89 17.12 -0.43
N ILE A 20 38.16 16.54 -1.60
CA ILE A 20 38.59 17.32 -2.76
C ILE A 20 37.37 17.59 -3.65
N PRO A 21 37.02 18.88 -3.84
CA PRO A 21 35.88 19.23 -4.68
C PRO A 21 36.13 18.82 -6.14
N MET A 22 35.05 18.47 -6.84
CA MET A 22 35.15 18.00 -8.20
C MET A 22 35.61 19.07 -9.20
N SER A 23 35.35 20.33 -8.88
CA SER A 23 35.88 21.46 -9.66
C SER A 23 37.40 21.53 -9.64
N GLN A 24 38.02 20.77 -8.75
CA GLN A 24 39.48 20.77 -8.60
C GLN A 24 40.14 19.48 -9.13
N ARG A 25 39.34 18.54 -9.60
CA ARG A 25 39.85 17.28 -10.14
C ARG A 25 40.09 17.41 -11.64
N ARG A 26 41.29 17.01 -12.07
CA ARG A 26 41.68 17.09 -13.48
C ARG A 26 40.75 16.31 -14.40
N SER A 27 40.31 15.15 -13.92
CA SER A 27 39.40 14.28 -14.65
C SER A 27 38.04 14.91 -14.95
N TRP A 28 37.71 16.01 -14.26
CA TRP A 28 36.39 16.64 -14.37
C TRP A 28 36.45 18.10 -14.84
N ALA A 29 37.65 18.56 -15.20
CA ALA A 29 37.91 19.96 -15.56
C ALA A 29 37.04 20.51 -16.69
N ASP A 30 36.73 19.69 -17.70
CA ASP A 30 35.92 20.12 -18.84
C ASP A 30 34.43 20.27 -18.52
N VAL A 31 33.99 19.77 -17.36
CA VAL A 31 32.57 19.78 -17.02
C VAL A 31 32.20 21.00 -16.19
N LYS A 32 31.18 21.72 -16.64
CA LYS A 32 30.63 22.82 -15.88
C LYS A 32 29.45 22.28 -15.06
N PRO A 33 29.54 22.27 -13.72
CA PRO A 33 28.44 21.74 -12.92
C PRO A 33 27.14 22.53 -13.13
N ILE A 34 26.01 21.86 -12.95
CA ILE A 34 24.72 22.56 -13.03
C ILE A 34 24.07 22.49 -11.66
N MET A 35 23.66 23.66 -11.15
CA MET A 35 23.03 23.78 -9.84
C MET A 35 21.61 23.22 -9.84
N GLN A 36 21.21 22.71 -8.68
CA GLN A 36 19.83 22.28 -8.45
C GLN A 36 18.87 23.44 -8.68
N ASP A 37 17.85 23.22 -9.50
CA ASP A 37 16.86 24.27 -9.74
C ASP A 37 15.46 24.00 -9.18
N ASP A 38 15.29 24.28 -7.89
CA ASP A 38 13.94 24.26 -7.31
C ASP A 38 13.44 25.68 -7.06
N GLY A 39 14.03 26.63 -7.78
CA GLY A 39 13.61 28.02 -7.68
C GLY A 39 14.08 28.69 -6.41
N PRO A 40 13.54 29.90 -6.13
CA PRO A 40 13.83 30.56 -4.87
C PRO A 40 12.86 30.12 -3.75
N ASN A 41 13.37 30.15 -2.54
CA ASN A 41 12.63 29.80 -1.34
C ASN A 41 11.90 28.48 -1.45
N PRO A 42 12.58 27.38 -1.85
CA PRO A 42 11.79 26.14 -1.94
C PRO A 42 11.30 25.68 -0.57
N VAL A 43 10.14 25.02 -0.55
CA VAL A 43 9.71 24.31 0.66
C VAL A 43 10.41 22.95 0.69
N VAL A 44 10.30 22.28 1.83
CA VAL A 44 11.02 21.04 2.16
C VAL A 44 12.47 20.94 1.62
N PRO A 45 13.29 21.98 1.82
CA PRO A 45 14.68 21.81 1.38
C PRO A 45 15.43 20.88 2.34
N ILE A 46 16.37 20.10 1.80
CA ILE A 46 17.16 19.19 2.62
C ILE A 46 18.58 19.73 2.74
N MET A 47 19.14 19.72 3.95
CA MET A 47 20.52 20.16 4.15
C MET A 47 21.46 19.08 3.62
N TYR A 48 22.15 19.39 2.53
CA TYR A 48 22.97 18.39 1.86
C TYR A 48 24.39 18.49 2.34
N SER A 49 25.07 17.36 2.43
CA SER A 49 26.51 17.35 2.61
C SER A 49 27.18 17.97 1.37
N GLU A 50 28.37 18.50 1.58
CA GLU A 50 29.16 19.03 0.50
C GLU A 50 29.36 17.93 -0.55
N GLU A 51 29.67 16.72 -0.10
CA GLU A 51 29.91 15.58 -0.99
C GLU A 51 28.71 15.28 -1.91
N TYR A 52 27.51 15.32 -1.34
CA TYR A 52 26.30 14.95 -2.07
C TYR A 52 25.90 16.04 -3.05
N LYS A 53 25.95 17.29 -2.59
CA LYS A 53 25.69 18.44 -3.46
C LYS A 53 26.65 18.45 -4.65
N ASP A 54 27.94 18.27 -4.39
CA ASP A 54 28.95 18.33 -5.43
C ASP A 54 28.70 17.24 -6.47
N ALA A 55 28.48 16.00 -5.99
CA ALA A 55 28.23 14.86 -6.87
C ALA A 55 27.01 15.12 -7.74
N MET A 56 25.94 15.66 -7.14
CA MET A 56 24.72 15.93 -7.86
C MET A 56 24.82 17.09 -8.85
N ASP A 57 25.63 18.10 -8.50
CA ASP A 57 25.89 19.22 -9.41
C ASP A 57 26.54 18.70 -10.69
N TYR A 58 27.44 17.74 -10.53
CA TYR A 58 28.13 17.16 -11.68
C TYR A 58 27.28 16.12 -12.37
N PHE A 59 26.46 15.39 -11.61
CA PHE A 59 25.46 14.52 -12.23
C PHE A 59 24.47 15.29 -13.13
N ARG A 60 23.99 16.44 -12.67
CA ARG A 60 23.08 17.25 -13.48
C ARG A 60 23.70 17.62 -14.83
N ALA A 61 25.00 17.95 -14.80
CA ALA A 61 25.75 18.30 -16.01
C ALA A 61 25.93 17.10 -16.94
N ILE A 62 26.36 15.97 -16.36
CA ILE A 62 26.54 14.70 -17.07
C ILE A 62 25.23 14.27 -17.74
N ALA A 63 24.16 14.27 -16.95
CA ALA A 63 22.89 13.76 -17.42
C ALA A 63 22.29 14.69 -18.47
N ALA A 64 22.50 16.00 -18.31
CA ALA A 64 22.00 16.96 -19.29
C ALA A 64 22.67 16.73 -20.66
N LYS A 65 23.98 16.54 -20.67
CA LYS A 65 24.71 16.27 -21.91
C LYS A 65 24.59 14.82 -22.39
N GLU A 66 23.92 13.99 -21.59
CA GLU A 66 23.73 12.55 -21.85
C GLU A 66 25.03 11.79 -22.08
N GLU A 67 26.05 12.15 -21.30
CA GLU A 67 27.35 11.50 -21.40
C GLU A 67 27.28 10.07 -20.87
N LYS A 68 27.73 9.12 -21.68
CA LYS A 68 27.81 7.72 -21.28
C LYS A 68 29.28 7.33 -21.22
N SER A 69 29.85 7.39 -20.03
CA SER A 69 31.28 7.19 -19.84
C SER A 69 31.54 6.47 -18.53
N GLU A 70 32.77 5.99 -18.38
CA GLU A 70 33.24 5.43 -17.12
C GLU A 70 33.17 6.44 -15.97
N ARG A 71 33.53 7.70 -16.20
CA ARG A 71 33.47 8.68 -15.11
C ARG A 71 32.01 8.88 -14.66
N ALA A 72 31.09 8.90 -15.63
CA ALA A 72 29.67 9.00 -15.32
C ALA A 72 29.21 7.77 -14.54
N LEU A 73 29.72 6.60 -14.91
CA LEU A 73 29.41 5.37 -14.17
C LEU A 73 29.87 5.47 -12.72
N GLU A 74 31.14 5.88 -12.53
CA GLU A 74 31.71 6.07 -11.19
C GLU A 74 30.88 7.07 -10.39
N LEU A 75 30.52 8.19 -11.01
CA LEU A 75 29.70 9.20 -10.32
C LEU A 75 28.36 8.60 -9.85
N THR A 76 27.71 7.78 -10.67
CA THR A 76 26.42 7.22 -10.25
C THR A 76 26.60 6.32 -9.03
N GLU A 77 27.71 5.59 -8.98
CA GLU A 77 28.00 4.77 -7.81
C GLU A 77 28.19 5.62 -6.56
N ILE A 78 28.95 6.71 -6.70
CA ILE A 78 29.14 7.66 -5.60
C ILE A 78 27.80 8.13 -5.05
N ILE A 79 26.87 8.42 -5.95
CA ILE A 79 25.59 9.00 -5.56
C ILE A 79 24.70 7.98 -4.87
N VAL A 80 24.52 6.81 -5.48
CA VAL A 80 23.63 5.81 -4.90
C VAL A 80 24.15 5.21 -3.59
N ARG A 81 25.46 5.29 -3.35
CA ARG A 81 26.01 4.95 -2.04
C ARG A 81 25.55 5.94 -0.97
N MET A 82 25.49 7.22 -1.33
CA MET A 82 25.00 8.25 -0.42
C MET A 82 23.48 8.22 -0.32
N ASN A 83 22.81 7.91 -1.42
CA ASN A 83 21.36 7.85 -1.45
C ASN A 83 20.83 6.68 -2.30
N PRO A 84 20.65 5.50 -1.66
CA PRO A 84 20.21 4.28 -2.37
C PRO A 84 18.82 4.37 -2.97
N ALA A 85 18.05 5.41 -2.64
CA ALA A 85 16.69 5.53 -3.16
C ALA A 85 16.60 6.52 -4.33
N HIS A 86 17.73 7.02 -4.79
CA HIS A 86 17.72 7.97 -5.91
C HIS A 86 17.38 7.31 -7.23
N TYR A 87 16.09 7.14 -7.53
CA TYR A 87 15.69 6.31 -8.67
C TYR A 87 16.24 6.83 -10.02
N THR A 88 16.33 8.16 -10.19
CA THR A 88 16.87 8.78 -11.41
C THR A 88 18.33 8.35 -11.66
N VAL A 89 19.13 8.39 -10.61
CA VAL A 89 20.53 8.01 -10.74
C VAL A 89 20.71 6.51 -11.04
N TRP A 90 19.87 5.66 -10.41
CA TRP A 90 19.85 4.23 -10.72
C TRP A 90 19.48 3.96 -12.17
N GLN A 91 18.48 4.70 -12.66
CA GLN A 91 18.05 4.58 -14.05
C GLN A 91 19.21 4.96 -14.97
N TYR A 92 19.89 6.05 -14.66
CA TYR A 92 21.03 6.50 -15.43
C TYR A 92 22.17 5.48 -15.35
N ARG A 93 22.40 4.91 -14.18
CA ARG A 93 23.38 3.84 -14.02
C ARG A 93 23.12 2.63 -14.93
N PHE A 94 21.87 2.17 -14.98
CA PHE A 94 21.57 1.03 -15.86
C PHE A 94 21.78 1.37 -17.36
N SER A 95 21.43 2.60 -17.76
CA SER A 95 21.71 3.05 -19.14
C SER A 95 23.18 2.99 -19.46
N LEU A 96 24.01 3.40 -18.49
CA LEU A 96 25.45 3.37 -18.64
C LEU A 96 25.97 1.95 -18.81
N LEU A 97 25.47 1.04 -17.98
CA LEU A 97 25.90 -0.36 -18.03
C LEU A 97 25.66 -0.95 -19.42
N THR A 98 24.52 -0.62 -20.00
CA THR A 98 24.16 -1.19 -21.31
C THR A 98 24.83 -0.45 -22.47
N SER A 99 24.96 0.88 -22.39
CA SER A 99 25.69 1.64 -23.41
C SER A 99 27.15 1.24 -23.49
N LEU A 100 27.78 1.07 -22.33
CA LEU A 100 29.19 0.75 -22.25
C LEU A 100 29.43 -0.75 -22.37
N ASN A 101 28.36 -1.54 -22.44
CA ASN A 101 28.49 -2.99 -22.55
C ASN A 101 29.35 -3.51 -21.40
N LYS A 102 29.11 -2.98 -20.21
CA LYS A 102 29.83 -3.39 -19.00
C LYS A 102 29.47 -4.82 -18.62
N SER A 103 30.38 -5.48 -17.90
CA SER A 103 30.08 -6.79 -17.35
C SER A 103 28.94 -6.71 -16.32
N LEU A 104 27.80 -7.28 -16.68
CA LEU A 104 26.65 -7.26 -15.76
C LEU A 104 26.83 -8.22 -14.58
N GLU A 105 27.68 -9.23 -14.76
CA GLU A 105 28.04 -10.14 -13.68
C GLU A 105 28.86 -9.43 -12.60
N ASP A 106 29.80 -8.58 -13.02
CA ASP A 106 30.55 -7.71 -12.12
C ASP A 106 29.61 -6.80 -11.34
N GLU A 107 28.59 -6.27 -12.02
CA GLU A 107 27.62 -5.39 -11.39
C GLU A 107 26.77 -6.13 -10.34
N LEU A 108 26.40 -7.38 -10.62
CA LEU A 108 25.74 -8.23 -9.62
C LEU A 108 26.60 -8.43 -8.38
N ARG A 109 27.90 -8.66 -8.59
CA ARG A 109 28.87 -8.75 -7.48
C ARG A 109 28.93 -7.45 -6.69
N LEU A 110 28.85 -6.32 -7.38
CA LEU A 110 28.81 -5.04 -6.71
C LEU A 110 27.52 -4.91 -5.90
N MET A 111 26.40 -5.35 -6.46
CA MET A 111 25.14 -5.36 -5.73
C MET A 111 25.21 -6.25 -4.49
N ASN A 112 25.93 -7.38 -4.60
CA ASN A 112 26.26 -8.21 -3.42
C ASN A 112 27.06 -7.42 -2.38
N GLU A 113 28.14 -6.78 -2.83
CA GLU A 113 28.96 -5.90 -1.96
C GLU A 113 28.15 -4.77 -1.30
N PHE A 114 27.17 -4.23 -2.03
CA PHE A 114 26.19 -3.29 -1.46
C PHE A 114 25.48 -3.90 -0.26
N ALA A 115 25.05 -5.15 -0.40
CA ALA A 115 24.35 -5.86 0.68
C ALA A 115 25.22 -5.98 1.93
N VAL A 116 26.50 -6.33 1.74
CA VAL A 116 27.46 -6.42 2.85
C VAL A 116 27.65 -5.05 3.55
N GLN A 117 27.40 -3.96 2.83
CA GLN A 117 27.52 -2.60 3.37
C GLN A 117 26.18 -1.95 3.76
N ASN A 118 25.12 -2.77 3.83
CA ASN A 118 23.80 -2.38 4.39
C ASN A 118 22.84 -1.62 3.46
N LEU A 119 23.30 -1.28 2.26
CA LEU A 119 22.51 -0.45 1.30
C LEU A 119 21.39 -1.22 0.56
N LYS A 120 20.13 -0.80 0.77
CA LYS A 120 18.91 -1.48 0.25
C LYS A 120 17.79 -0.50 -0.20
N SER A 121 16.84 -0.96 -1.05
CA SER A 121 15.66 -0.15 -1.46
C SER A 121 14.75 -0.76 -2.57
N TYR A 122 13.63 -0.11 -2.88
CA TYR A 122 12.87 -0.40 -4.11
C TYR A 122 13.81 -0.49 -5.32
N GLN A 123 14.95 0.22 -5.23
CA GLN A 123 15.84 0.47 -6.36
C GLN A 123 16.94 -0.57 -6.53
N VAL A 124 17.53 -1.01 -5.43
CA VAL A 124 18.59 -2.01 -5.43
C VAL A 124 18.09 -3.38 -5.89
N TRP A 125 16.89 -3.76 -5.44
CA TRP A 125 16.28 -5.01 -5.86
C TRP A 125 15.79 -4.90 -7.30
N HIS A 126 15.25 -3.75 -7.66
CA HIS A 126 14.82 -3.57 -9.04
C HIS A 126 16.01 -3.62 -10.02
N HIS A 127 17.14 -3.04 -9.62
CA HIS A 127 18.37 -3.03 -10.43
C HIS A 127 18.80 -4.47 -10.66
N ARG A 128 18.76 -5.25 -9.58
CA ARG A 128 19.08 -6.66 -9.63
C ARG A 128 18.19 -7.39 -10.66
N LEU A 129 16.89 -7.09 -10.61
CA LEU A 129 15.93 -7.68 -11.54
C LEU A 129 16.31 -7.33 -12.99
N LEU A 130 16.60 -6.06 -13.23
CA LEU A 130 16.98 -5.64 -14.56
C LEU A 130 18.24 -6.36 -15.03
N LEU A 131 19.21 -6.52 -14.13
CA LEU A 131 20.43 -7.22 -14.45
C LEU A 131 20.16 -8.67 -14.85
N LEU A 132 19.35 -9.36 -14.04
CA LEU A 132 19.01 -10.78 -14.30
C LEU A 132 18.25 -10.96 -15.60
N ASP A 133 17.26 -10.08 -15.83
CA ASP A 133 16.51 -10.05 -17.09
C ASP A 133 17.45 -9.88 -18.30
N ARG A 134 18.43 -8.98 -18.21
CA ARG A 134 19.33 -8.72 -19.35
C ARG A 134 20.41 -9.78 -19.53
N ILE A 135 21.04 -10.20 -18.43
CA ILE A 135 21.98 -11.33 -18.48
C ILE A 135 21.27 -12.53 -19.07
N SER A 136 20.04 -12.78 -18.60
CA SER A 136 19.21 -13.89 -19.07
C SER A 136 19.98 -15.23 -19.00
N PRO A 137 20.46 -15.59 -17.79
CA PRO A 137 21.24 -16.82 -17.68
C PRO A 137 20.43 -18.06 -18.08
N GLN A 138 21.10 -19.06 -18.64
CA GLN A 138 20.43 -20.33 -18.97
C GLN A 138 19.92 -21.01 -17.69
N ASP A 139 20.65 -20.86 -16.59
CA ASP A 139 20.18 -21.38 -15.29
C ASP A 139 20.33 -20.31 -14.23
N PRO A 140 19.20 -19.86 -13.62
CA PRO A 140 19.30 -18.80 -12.63
C PRO A 140 19.55 -19.32 -11.20
N VAL A 141 19.99 -20.57 -11.05
CA VAL A 141 20.16 -21.20 -9.72
C VAL A 141 20.97 -20.35 -8.74
N SER A 142 22.05 -19.74 -9.19
CA SER A 142 22.91 -19.05 -8.24
C SER A 142 22.23 -17.79 -7.72
N GLU A 143 21.36 -17.16 -8.53
CA GLU A 143 20.61 -16.02 -8.03
C GLU A 143 19.54 -16.48 -7.03
N ILE A 144 18.90 -17.61 -7.32
CA ILE A 144 17.96 -18.26 -6.38
C ILE A 144 18.63 -18.48 -5.00
N GLU A 145 19.83 -19.06 -5.02
CA GLU A 145 20.60 -19.30 -3.78
C GLU A 145 20.96 -17.98 -3.09
N TYR A 146 21.39 -16.98 -3.86
CA TYR A 146 21.64 -15.65 -3.28
C TYR A 146 20.41 -15.12 -2.54
N ILE A 147 19.25 -15.21 -3.20
CA ILE A 147 18.02 -14.73 -2.61
C ILE A 147 17.71 -15.48 -1.31
N HIS A 148 17.83 -16.79 -1.34
CA HIS A 148 17.63 -17.58 -0.13
C HIS A 148 18.52 -17.09 1.02
N GLY A 149 19.80 -16.88 0.72
CA GLY A 149 20.77 -16.46 1.73
C GLY A 149 20.41 -15.09 2.29
N SER A 150 19.93 -14.20 1.43
CA SER A 150 19.60 -12.86 1.84
C SER A 150 18.33 -12.82 2.71
N LEU A 151 17.45 -13.82 2.55
CA LEU A 151 16.26 -13.93 3.41
C LEU A 151 16.53 -14.47 4.82
N LEU A 152 17.51 -15.37 4.97
CA LEU A 152 17.71 -16.02 6.28
C LEU A 152 17.75 -15.02 7.47
N PRO A 153 18.55 -13.94 7.35
CA PRO A 153 18.56 -12.87 8.37
C PRO A 153 17.39 -11.88 8.31
N ASP A 154 16.55 -11.99 7.27
CA ASP A 154 15.53 -10.98 7.06
C ASP A 154 14.29 -11.64 6.42
N PRO A 155 13.68 -12.60 7.15
CA PRO A 155 12.81 -13.63 6.53
C PRO A 155 11.49 -13.14 5.95
N LYS A 156 11.11 -11.89 6.22
CA LYS A 156 9.81 -11.37 5.75
C LYS A 156 9.99 -10.18 4.83
N ASN A 157 11.21 -9.96 4.36
CA ASN A 157 11.50 -8.84 3.49
C ASN A 157 10.61 -8.92 2.26
N TYR A 158 9.67 -7.98 2.17
CA TYR A 158 8.62 -8.05 1.17
C TYR A 158 9.15 -8.03 -0.27
N HIS A 159 10.06 -7.09 -0.55
CA HIS A 159 10.58 -6.96 -1.91
C HIS A 159 11.43 -8.18 -2.32
N THR A 160 12.06 -8.81 -1.34
CA THR A 160 12.85 -10.00 -1.62
C THR A 160 11.92 -11.14 -2.03
N TRP A 161 10.79 -11.27 -1.36
CA TRP A 161 9.84 -12.34 -1.68
C TRP A 161 9.22 -12.09 -3.05
N ALA A 162 8.87 -10.83 -3.33
CA ALA A 162 8.33 -10.43 -4.63
C ALA A 162 9.37 -10.70 -5.73
N TYR A 163 10.63 -10.39 -5.47
CA TYR A 163 11.69 -10.66 -6.44
C TYR A 163 11.84 -12.16 -6.75
N LEU A 164 11.78 -12.99 -5.71
CA LEU A 164 11.79 -14.45 -5.86
C LEU A 164 10.63 -14.97 -6.73
N HIS A 165 9.43 -14.46 -6.48
CA HIS A 165 8.29 -14.78 -7.33
C HIS A 165 8.57 -14.39 -8.78
N TRP A 166 9.07 -13.17 -9.00
CA TRP A 166 9.39 -12.72 -10.37
C TRP A 166 10.39 -13.66 -11.06
N LEU A 167 11.48 -13.98 -10.35
CA LEU A 167 12.58 -14.77 -10.89
C LEU A 167 12.09 -16.12 -11.39
N TYR A 168 11.37 -16.84 -10.52
CA TYR A 168 10.78 -18.12 -10.91
C TYR A 168 9.79 -17.96 -12.04
N SER A 169 9.00 -16.89 -11.99
CA SER A 169 7.93 -16.73 -12.99
C SER A 169 8.55 -16.43 -14.35
N HIS A 170 9.45 -15.44 -14.39
CA HIS A 170 10.17 -15.05 -15.60
C HIS A 170 10.99 -16.21 -16.20
N PHE A 171 11.80 -16.87 -15.38
CA PHE A 171 12.66 -17.93 -15.91
C PHE A 171 11.90 -19.19 -16.27
N SER A 172 10.79 -19.42 -15.57
CA SER A 172 9.92 -20.53 -15.97
C SER A 172 9.24 -20.29 -17.32
N THR A 173 8.82 -19.05 -17.62
CA THR A 173 8.22 -18.79 -18.94
C THR A 173 9.20 -19.08 -20.06
N LEU A 174 10.49 -18.89 -19.79
CA LEU A 174 11.53 -19.23 -20.75
C LEU A 174 11.87 -20.74 -20.74
N GLY A 175 11.16 -21.51 -19.91
CA GLY A 175 11.38 -22.96 -19.82
C GLY A 175 12.69 -23.32 -19.12
N ARG A 176 13.18 -22.43 -18.25
CA ARG A 176 14.51 -22.63 -17.61
C ARG A 176 14.48 -23.12 -16.15
N ILE A 177 13.30 -23.40 -15.62
CA ILE A 177 13.19 -23.99 -14.29
C ILE A 177 12.86 -25.49 -14.41
N SER A 178 13.82 -26.34 -14.03
CA SER A 178 13.63 -27.78 -14.12
C SER A 178 12.78 -28.30 -12.97
N GLU A 179 12.29 -29.51 -13.12
CA GLU A 179 11.53 -30.19 -12.05
C GLU A 179 12.35 -30.34 -10.75
N ALA A 180 13.64 -30.66 -10.86
CA ALA A 180 14.51 -30.74 -9.69
C ALA A 180 14.59 -29.38 -8.98
N GLN A 181 14.64 -28.30 -9.76
CA GLN A 181 14.68 -26.96 -9.21
C GLN A 181 13.38 -26.61 -8.45
N TRP A 182 12.22 -26.85 -9.08
CA TRP A 182 10.94 -26.69 -8.37
C TRP A 182 10.91 -27.55 -7.08
N GLY A 183 11.40 -28.78 -7.15
CA GLY A 183 11.39 -29.67 -6.00
C GLY A 183 12.23 -29.15 -4.85
N SER A 184 13.42 -28.62 -5.15
CA SER A 184 14.27 -28.14 -4.07
C SER A 184 13.75 -26.82 -3.49
N GLU A 185 13.03 -26.06 -4.32
CA GLU A 185 12.41 -24.83 -3.87
C GLU A 185 11.34 -25.15 -2.85
N LEU A 186 10.53 -26.18 -3.10
CA LEU A 186 9.54 -26.62 -2.12
C LEU A 186 10.22 -27.13 -0.84
N ASP A 187 11.31 -27.88 -0.99
CA ASP A 187 12.11 -28.29 0.19
C ASP A 187 12.55 -27.09 1.00
N TRP A 188 13.04 -26.05 0.32
CA TRP A 188 13.53 -24.86 1.02
C TRP A 188 12.37 -24.15 1.72
N CYS A 189 11.22 -24.09 1.04
CA CYS A 189 10.05 -23.44 1.62
C CYS A 189 9.57 -24.17 2.88
N ASN A 190 9.59 -25.50 2.85
CA ASN A 190 9.20 -26.32 3.99
C ASN A 190 10.09 -26.06 5.19
N GLU A 191 11.36 -25.81 4.91
CA GLU A 191 12.33 -25.52 5.96
C GLU A 191 12.09 -24.13 6.57
N MET A 192 11.76 -23.14 5.73
CA MET A 192 11.40 -21.81 6.21
C MET A 192 10.21 -21.91 7.17
N LEU A 193 9.18 -22.66 6.79
CA LEU A 193 7.99 -22.80 7.62
C LEU A 193 8.22 -23.66 8.87
N ARG A 194 9.18 -24.58 8.80
CA ARG A 194 9.55 -25.35 9.98
C ARG A 194 10.26 -24.44 11.00
N VAL A 195 11.16 -23.58 10.54
CA VAL A 195 11.84 -22.64 11.40
C VAL A 195 10.87 -21.61 12.04
N ASP A 196 9.91 -21.14 11.26
CA ASP A 196 8.91 -20.21 11.78
C ASP A 196 7.62 -20.43 11.03
N GLY A 197 6.72 -21.22 11.62
CA GLY A 197 5.43 -21.50 11.01
C GLY A 197 4.51 -20.30 10.87
N ARG A 198 4.88 -19.19 11.52
CA ARG A 198 4.08 -17.95 11.47
C ARG A 198 4.64 -17.00 10.43
N ASN A 199 5.56 -17.48 9.60
CA ASN A 199 6.08 -16.67 8.53
C ASN A 199 5.11 -16.66 7.34
N ASN A 200 4.22 -15.67 7.33
CA ASN A 200 3.20 -15.56 6.28
C ASN A 200 3.79 -15.43 4.87
N SER A 201 4.99 -14.88 4.77
CA SER A 201 5.64 -14.70 3.47
C SER A 201 5.94 -16.05 2.85
N ALA A 202 6.35 -17.00 3.71
CA ALA A 202 6.70 -18.32 3.24
C ALA A 202 5.45 -19.13 2.92
N TRP A 203 4.36 -18.89 3.65
CA TRP A 203 3.06 -19.46 3.30
C TRP A 203 2.63 -18.97 1.91
N GLY A 204 2.86 -17.68 1.65
CA GLY A 204 2.56 -17.11 0.32
C GLY A 204 3.34 -17.82 -0.78
N TRP A 205 4.62 -18.05 -0.52
CA TRP A 205 5.49 -18.76 -1.45
C TRP A 205 5.03 -20.21 -1.64
N ARG A 206 4.71 -20.90 -0.55
CA ARG A 206 4.11 -22.23 -0.68
C ARG A 206 2.91 -22.20 -1.62
N TRP A 207 2.05 -21.20 -1.47
CA TRP A 207 0.86 -21.07 -2.33
C TRP A 207 1.24 -21.02 -3.81
N TYR A 208 2.25 -20.20 -4.13
CA TYR A 208 2.75 -20.14 -5.50
C TYR A 208 3.26 -21.49 -5.96
N LEU A 209 4.08 -22.13 -5.14
CA LEU A 209 4.72 -23.38 -5.50
C LEU A 209 3.73 -24.52 -5.73
N ARG A 210 2.69 -24.57 -4.89
CA ARG A 210 1.79 -25.73 -4.86
C ARG A 210 0.48 -25.47 -5.58
N VAL A 211 0.06 -24.20 -5.65
CA VAL A 211 -1.27 -23.89 -6.15
C VAL A 211 -1.28 -22.99 -7.41
N SER A 212 -0.67 -21.80 -7.33
CA SER A 212 -0.90 -20.79 -8.37
C SER A 212 0.00 -20.82 -9.62
N ARG A 213 1.26 -21.24 -9.47
CA ARG A 213 2.15 -21.29 -10.61
C ARG A 213 1.56 -22.21 -11.70
N PRO A 214 1.71 -21.83 -12.99
CA PRO A 214 1.04 -22.58 -14.06
C PRO A 214 1.46 -24.05 -14.15
N GLY A 215 2.71 -24.36 -13.80
CA GLY A 215 3.22 -25.74 -13.88
C GLY A 215 2.86 -26.62 -12.68
N ALA A 216 2.17 -26.08 -11.68
CA ALA A 216 1.81 -26.88 -10.51
C ALA A 216 0.85 -28.03 -10.83
N GLU A 217 1.05 -29.14 -10.13
CA GLU A 217 0.30 -30.36 -10.34
C GLU A 217 -0.99 -30.28 -9.51
N THR A 218 -2.13 -30.60 -10.13
CA THR A 218 -3.35 -30.77 -9.35
C THR A 218 -4.03 -32.11 -9.67
N SER A 219 -3.85 -33.05 -8.75
CA SER A 219 -4.49 -34.34 -8.82
C SER A 219 -5.19 -34.55 -7.49
N SER A 220 -5.96 -35.63 -7.37
CA SER A 220 -6.59 -35.95 -6.10
C SER A 220 -5.53 -36.19 -5.01
N ARG A 221 -4.42 -36.86 -5.35
CA ARG A 221 -3.32 -37.06 -4.38
C ARG A 221 -2.69 -35.73 -3.94
N SER A 222 -2.51 -34.83 -4.91
CA SER A 222 -1.95 -33.50 -4.70
C SER A 222 -2.75 -32.69 -3.68
N LEU A 223 -4.07 -32.70 -3.86
CA LEU A 223 -5.00 -32.04 -2.96
C LEU A 223 -4.97 -32.71 -1.58
N GLN A 224 -4.93 -34.05 -1.58
CA GLN A 224 -4.77 -34.81 -0.34
C GLN A 224 -3.53 -34.40 0.44
N ASP A 225 -2.37 -34.40 -0.23
CA ASP A 225 -1.11 -34.07 0.40
C ASP A 225 -1.16 -32.66 0.98
N GLU A 226 -1.70 -31.73 0.20
CA GLU A 226 -1.81 -30.34 0.60
C GLU A 226 -2.66 -30.20 1.85
N LEU A 227 -3.85 -30.81 1.83
CA LEU A 227 -4.73 -30.81 3.01
C LEU A 227 -4.05 -31.35 4.25
N ILE A 228 -3.30 -32.45 4.11
CA ILE A 228 -2.55 -33.03 5.24
C ILE A 228 -1.56 -32.01 5.80
N TYR A 229 -0.79 -31.36 4.93
CA TYR A 229 0.19 -30.38 5.34
C TYR A 229 -0.50 -29.21 6.07
N ILE A 230 -1.59 -28.70 5.50
CA ILE A 230 -2.31 -27.58 6.10
C ILE A 230 -2.81 -27.96 7.49
N LEU A 231 -3.51 -29.09 7.57
CA LEU A 231 -4.09 -29.56 8.85
C LEU A 231 -3.03 -29.81 9.91
N LYS A 232 -1.93 -30.47 9.54
CA LYS A 232 -0.81 -30.69 10.47
C LYS A 232 -0.26 -29.37 11.01
N SER A 233 -0.16 -28.37 10.12
CA SER A 233 0.29 -27.04 10.50
C SER A 233 -0.62 -26.38 11.53
N ILE A 234 -1.93 -26.42 11.28
CA ILE A 234 -2.91 -25.92 12.24
C ILE A 234 -2.77 -26.64 13.58
N HIS A 235 -2.67 -27.96 13.55
CA HIS A 235 -2.58 -28.75 14.78
C HIS A 235 -1.31 -28.43 15.58
N LEU A 236 -0.25 -28.11 14.87
CA LEU A 236 1.00 -27.67 15.47
C LEU A 236 0.88 -26.27 16.12
N ILE A 237 0.19 -25.36 15.42
CA ILE A 237 -0.02 -23.99 15.94
C ILE A 237 -1.48 -23.57 15.76
N PRO A 238 -2.38 -23.99 16.66
CA PRO A 238 -3.81 -23.73 16.47
C PRO A 238 -4.22 -22.27 16.31
N HIS A 239 -3.43 -21.35 16.88
CA HIS A 239 -3.75 -19.94 16.79
C HIS A 239 -3.09 -19.21 15.60
N ASN A 240 -2.42 -19.96 14.74
CA ASN A 240 -1.69 -19.37 13.62
C ASN A 240 -2.62 -18.91 12.48
N VAL A 241 -2.87 -17.61 12.41
CA VAL A 241 -3.73 -17.04 11.38
C VAL A 241 -3.26 -17.37 9.95
N SER A 242 -1.95 -17.41 9.72
CA SER A 242 -1.44 -17.82 8.39
C SER A 242 -1.98 -19.15 7.89
N ALA A 243 -1.96 -20.15 8.76
CA ALA A 243 -2.39 -21.50 8.41
C ALA A 243 -3.90 -21.60 8.17
N TRP A 244 -4.68 -20.89 8.98
CA TRP A 244 -6.13 -20.79 8.77
C TRP A 244 -6.48 -20.13 7.43
N ASN A 245 -5.80 -19.03 7.11
CA ASN A 245 -6.09 -18.31 5.86
C ASN A 245 -5.72 -19.17 4.68
N TYR A 246 -4.63 -19.90 4.83
CA TYR A 246 -4.22 -20.81 3.79
C TYR A 246 -5.26 -21.92 3.62
N LEU A 247 -5.72 -22.51 4.72
CA LEU A 247 -6.79 -23.50 4.66
C LEU A 247 -8.01 -22.96 3.92
N ARG A 248 -8.47 -21.78 4.31
CA ARG A 248 -9.65 -21.19 3.69
C ARG A 248 -9.42 -20.86 2.22
N GLY A 249 -8.26 -20.27 1.92
CA GLY A 249 -7.86 -20.01 0.55
C GLY A 249 -7.89 -21.29 -0.28
N PHE A 250 -7.34 -22.36 0.28
CA PHE A 250 -7.22 -23.64 -0.40
C PHE A 250 -8.61 -24.22 -0.78
N LEU A 251 -9.49 -24.29 0.21
CA LEU A 251 -10.84 -24.83 0.02
C LEU A 251 -11.61 -24.03 -1.03
N LYS A 252 -11.55 -22.71 -0.90
CA LYS A 252 -12.23 -21.81 -1.83
C LYS A 252 -11.73 -22.01 -3.26
N HIS A 253 -10.41 -21.93 -3.44
CA HIS A 253 -9.77 -22.04 -4.76
C HIS A 253 -10.12 -23.34 -5.52
N PHE A 254 -10.19 -24.46 -4.81
CA PHE A 254 -10.49 -25.76 -5.44
C PHE A 254 -11.94 -26.21 -5.26
N SER A 255 -12.81 -25.27 -4.88
CA SER A 255 -14.24 -25.55 -4.64
C SER A 255 -14.48 -26.79 -3.79
N LEU A 256 -13.75 -26.94 -2.69
CA LEU A 256 -13.92 -28.12 -1.83
C LEU A 256 -14.83 -27.80 -0.65
N PRO A 257 -15.77 -28.72 -0.32
CA PRO A 257 -16.68 -28.50 0.80
C PRO A 257 -15.94 -28.45 2.13
N LEU A 258 -16.41 -27.59 3.03
CA LEU A 258 -15.86 -27.47 4.38
C LEU A 258 -16.26 -28.64 5.28
N VAL A 259 -17.49 -29.14 5.09
CA VAL A 259 -18.08 -30.12 6.00
C VAL A 259 -17.23 -31.38 6.26
N PRO A 260 -16.74 -32.06 5.20
CA PRO A 260 -16.00 -33.32 5.46
C PRO A 260 -14.71 -33.16 6.28
N ILE A 261 -14.21 -31.94 6.39
CA ILE A 261 -12.97 -31.68 7.14
C ILE A 261 -13.30 -31.23 8.57
N LEU A 262 -14.54 -30.83 8.78
CA LEU A 262 -15.03 -30.36 10.08
C LEU A 262 -14.56 -31.13 11.34
N PRO A 263 -14.52 -32.48 11.31
CA PRO A 263 -13.98 -33.19 12.50
C PRO A 263 -12.61 -32.70 12.97
N ALA A 264 -11.75 -32.28 12.03
CA ALA A 264 -10.40 -31.81 12.34
C ALA A 264 -10.37 -30.40 12.95
N ILE A 265 -11.50 -29.70 12.88
CA ILE A 265 -11.60 -28.30 13.30
C ILE A 265 -12.47 -28.14 14.54
N LEU A 266 -13.51 -29.00 14.63
CA LEU A 266 -14.47 -28.99 15.73
C LEU A 266 -13.84 -28.87 17.14
N PRO A 267 -12.73 -29.60 17.43
CA PRO A 267 -12.17 -29.46 18.78
C PRO A 267 -11.64 -28.06 19.14
N TYR A 268 -11.37 -27.22 18.13
CA TYR A 268 -10.93 -25.85 18.35
C TYR A 268 -12.09 -24.88 18.59
N THR A 269 -13.32 -25.39 18.44
CA THR A 269 -14.54 -24.58 18.58
C THR A 269 -15.18 -24.69 19.97
N ALA A 270 -14.74 -25.66 20.77
CA ALA A 270 -15.44 -26.05 22.00
C ALA A 270 -15.24 -25.10 23.19
N PHE A 285 -7.68 -37.94 7.77
CA PHE A 285 -6.89 -36.69 7.82
C PHE A 285 -6.39 -36.39 9.23
N PRO A 286 -5.31 -35.60 9.36
CA PRO A 286 -4.75 -35.32 10.69
C PRO A 286 -5.73 -34.66 11.66
N MET A 287 -5.71 -35.14 12.90
CA MET A 287 -6.60 -34.68 13.96
C MET A 287 -5.78 -33.94 15.03
N PRO A 288 -6.43 -33.06 15.84
CA PRO A 288 -5.71 -32.35 16.89
C PRO A 288 -5.00 -33.30 17.85
N SER A 289 -3.93 -32.84 18.50
CA SER A 289 -3.27 -33.61 19.56
C SER A 289 -4.26 -33.98 20.66
N PRO A 291 -4.32 -34.72 23.69
CA PRO A 291 -4.59 -33.46 24.40
C PRO A 291 -3.95 -32.28 23.69
N LEU A 292 -4.71 -31.19 23.54
CA LEU A 292 -4.20 -29.99 22.87
C LEU A 292 -2.88 -29.53 23.47
N PRO A 293 -2.00 -28.91 22.65
CA PRO A 293 -0.80 -28.32 23.21
C PRO A 293 -1.12 -27.24 24.26
N GLU A 294 -0.23 -27.07 25.22
CA GLU A 294 -0.30 -26.01 26.22
C GLU A 294 -0.38 -24.63 25.58
N ASP A 295 -1.00 -23.69 26.28
CA ASP A 295 -1.18 -22.31 25.82
C ASP A 295 -2.01 -22.26 24.53
N THR A 296 -3.17 -22.91 24.58
CA THR A 296 -4.08 -23.01 23.45
C THR A 296 -5.51 -22.75 23.94
N PRO A 297 -5.78 -21.51 24.39
CA PRO A 297 -7.13 -21.21 24.93
C PRO A 297 -8.19 -21.35 23.83
N LEU A 298 -9.36 -21.87 24.21
CA LEU A 298 -10.45 -22.11 23.28
C LEU A 298 -11.64 -21.19 23.57
N PRO A 299 -12.46 -20.89 22.55
CA PRO A 299 -12.35 -21.30 21.15
C PRO A 299 -11.37 -20.44 20.34
N VAL A 300 -10.88 -21.01 19.24
CA VAL A 300 -10.07 -20.27 18.28
C VAL A 300 -11.06 -19.55 17.35
N PRO A 301 -11.08 -18.20 17.36
CA PRO A 301 -12.06 -17.46 16.55
C PRO A 301 -12.17 -17.94 15.09
N LEU A 302 -11.04 -18.21 14.44
CA LEU A 302 -11.07 -18.69 13.05
C LEU A 302 -11.62 -20.13 12.91
N ALA A 303 -11.51 -20.92 13.95
CA ALA A 303 -12.22 -22.21 13.96
C ALA A 303 -13.75 -21.99 13.96
N LEU A 304 -14.21 -21.02 14.76
CA LEU A 304 -15.63 -20.65 14.78
C LEU A 304 -16.10 -20.09 13.43
N GLU A 305 -15.25 -19.26 12.80
CA GLU A 305 -15.53 -18.78 11.46
C GLU A 305 -15.68 -19.97 10.51
N TYR A 306 -14.77 -20.93 10.61
CA TYR A 306 -14.86 -22.17 9.84
C TYR A 306 -16.20 -22.88 10.12
N LEU A 307 -16.56 -23.02 11.40
CA LEU A 307 -17.83 -23.68 11.78
C LEU A 307 -19.05 -22.93 11.24
N ALA A 308 -19.06 -21.61 11.37
CA ALA A 308 -20.16 -20.80 10.86
C ALA A 308 -20.30 -20.97 9.34
N ASP A 309 -19.18 -20.84 8.62
CA ASP A 309 -19.19 -21.04 7.17
C ASP A 309 -19.66 -22.44 6.74
N SER A 310 -19.31 -23.45 7.55
CA SER A 310 -19.73 -24.82 7.26
C SER A 310 -21.24 -24.98 7.46
N PHE A 311 -21.78 -24.35 8.50
CA PHE A 311 -23.23 -24.24 8.69
C PHE A 311 -23.92 -23.60 7.48
N ILE A 312 -23.34 -22.53 6.94
CA ILE A 312 -23.88 -21.88 5.74
C ILE A 312 -23.87 -22.82 4.53
N GLU A 313 -22.75 -23.49 4.31
CA GLU A 313 -22.65 -24.53 3.29
C GLU A 313 -23.80 -25.53 3.40
N GLN A 314 -24.22 -25.84 4.64
CA GLN A 314 -25.33 -26.75 4.91
C GLN A 314 -26.72 -26.08 4.88
N ASN A 315 -26.78 -24.79 4.57
CA ASN A 315 -28.06 -24.03 4.59
C ASN A 315 -28.64 -23.89 6.01
N ARG A 316 -27.84 -24.17 7.02
CA ARG A 316 -28.25 -24.00 8.41
C ARG A 316 -27.92 -22.58 8.88
N VAL A 317 -28.69 -21.60 8.38
CA VAL A 317 -28.39 -20.17 8.59
C VAL A 317 -28.55 -19.68 10.03
N ASP A 318 -29.49 -20.28 10.76
CA ASP A 318 -29.72 -19.93 12.16
C ASP A 318 -28.54 -20.37 13.02
N ASP A 319 -28.04 -21.57 12.77
CA ASP A 319 -26.85 -22.10 13.46
C ASP A 319 -25.61 -21.26 13.15
N ALA A 320 -25.49 -20.80 11.90
CA ALA A 320 -24.38 -19.94 11.50
C ALA A 320 -24.51 -18.60 12.20
N ALA A 321 -25.70 -18.01 12.13
CA ALA A 321 -26.03 -16.76 12.81
C ALA A 321 -25.61 -16.79 14.29
N LYS A 322 -25.95 -17.89 14.97
CA LYS A 322 -25.58 -18.08 16.37
C LYS A 322 -24.07 -18.03 16.62
N VAL A 323 -23.31 -18.68 15.75
CA VAL A 323 -21.85 -18.68 15.85
C VAL A 323 -21.30 -17.28 15.64
N PHE A 324 -21.84 -16.56 14.65
CA PHE A 324 -21.41 -15.19 14.36
C PHE A 324 -21.71 -14.28 15.53
N GLU A 325 -22.87 -14.49 16.15
CA GLU A 325 -23.26 -13.70 17.30
C GLU A 325 -22.25 -13.86 18.46
N LYS A 326 -21.86 -15.11 18.74
CA LYS A 326 -20.85 -15.42 19.75
C LYS A 326 -19.48 -14.82 19.39
N LEU A 327 -19.09 -14.91 18.12
CA LEU A 327 -17.89 -14.20 17.65
C LEU A 327 -17.97 -12.71 17.98
N SER A 328 -19.14 -12.13 17.70
CA SER A 328 -19.36 -10.70 17.87
C SER A 328 -19.37 -10.25 19.33
N SER A 329 -20.17 -10.92 20.17
CA SER A 329 -20.40 -10.48 21.55
C SER A 329 -19.38 -11.03 22.54
N GLU A 330 -18.67 -12.10 22.17
CA GLU A 330 -17.80 -12.78 23.13
C GLU A 330 -16.40 -13.13 22.67
N TYR A 331 -16.27 -13.87 21.56
CA TYR A 331 -15.01 -14.52 21.27
C TYR A 331 -14.04 -13.74 20.37
N ASP A 332 -14.53 -12.74 19.66
CA ASP A 332 -13.65 -11.89 18.85
C ASP A 332 -14.23 -10.49 18.79
N GLN A 333 -14.27 -9.84 19.96
CA GLN A 333 -14.99 -8.58 20.13
C GLN A 333 -14.41 -7.38 19.37
N MET A 334 -13.14 -7.46 19.00
CA MET A 334 -12.53 -6.40 18.20
C MET A 334 -13.27 -6.25 16.86
N ARG A 335 -13.76 -7.36 16.32
CA ARG A 335 -14.52 -7.36 15.07
C ARG A 335 -16.03 -7.49 15.32
N ALA A 336 -16.50 -7.01 16.48
CA ALA A 336 -17.92 -7.14 16.87
C ALA A 336 -18.81 -6.72 15.69
N GLY A 337 -18.47 -5.59 15.08
CA GLY A 337 -19.23 -5.03 13.94
C GLY A 337 -19.28 -5.90 12.69
N TYR A 338 -18.12 -6.38 12.27
CA TYR A 338 -18.04 -7.33 11.15
C TYR A 338 -18.80 -8.63 11.40
N TRP A 339 -18.65 -9.21 12.58
CA TRP A 339 -19.35 -10.48 12.88
C TRP A 339 -20.86 -10.26 12.99
N GLU A 340 -21.26 -9.07 13.47
CA GLU A 340 -22.67 -8.68 13.48
C GLU A 340 -23.20 -8.55 12.05
N PHE A 341 -22.41 -7.91 11.18
CA PHE A 341 -22.73 -7.85 9.76
C PHE A 341 -22.95 -9.25 9.19
N ARG A 342 -21.99 -10.16 9.42
CA ARG A 342 -22.13 -11.56 9.02
C ARG A 342 -23.39 -12.23 9.60
N ARG A 343 -23.68 -11.94 10.86
CA ARG A 343 -24.87 -12.44 11.54
C ARG A 343 -26.14 -11.97 10.82
N ARG A 344 -26.22 -10.66 10.55
CA ARG A 344 -27.38 -10.06 9.88
C ARG A 344 -27.61 -10.62 8.48
N GLU A 345 -26.50 -10.92 7.81
CA GLU A 345 -26.52 -11.57 6.51
C GLU A 345 -27.35 -12.85 6.52
N CYS A 346 -27.22 -13.63 7.59
CA CYS A 346 -27.96 -14.88 7.78
C CYS A 346 -29.44 -14.66 8.09
N ALA A 347 -29.73 -13.68 8.95
CA ALA A 347 -31.09 -13.46 9.48
C ALA A 347 -31.91 -12.46 8.64
N ALA B 2 -24.30 4.24 18.58
CA ALA B 2 -23.19 4.56 17.64
C ALA B 2 -22.02 3.59 17.87
N THR B 3 -21.83 3.19 19.13
CA THR B 3 -20.64 2.43 19.52
C THR B 3 -20.92 1.03 20.08
N GLU B 4 -22.14 0.53 19.83
CA GLU B 4 -22.54 -0.79 20.35
C GLU B 4 -21.60 -1.91 19.89
N PHE B 5 -21.06 -1.77 18.68
CA PHE B 5 -20.24 -2.81 18.08
C PHE B 5 -18.80 -2.35 17.88
N THR B 6 -18.43 -1.30 18.61
CA THR B 6 -17.08 -0.78 18.57
C THR B 6 -16.60 -0.59 20.00
N PRO B 7 -16.28 -1.69 20.70
CA PRO B 7 -15.87 -1.55 22.09
C PRO B 7 -14.50 -0.89 22.26
N SER B 8 -14.40 -0.08 23.29
CA SER B 8 -13.14 0.47 23.71
C SER B 8 -12.19 -0.65 24.11
N VAL B 9 -10.93 -0.49 23.71
CA VAL B 9 -9.81 -1.33 24.16
C VAL B 9 -9.78 -1.45 25.71
N TYR B 10 -10.15 -0.38 26.42
CA TYR B 10 -10.10 -0.39 27.88
C TYR B 10 -11.23 -1.22 28.51
N SER B 11 -12.24 -1.56 27.70
CA SER B 11 -13.39 -2.35 28.15
C SER B 11 -13.22 -3.82 27.79
N LEU B 12 -12.15 -4.16 27.09
CA LEU B 12 -11.89 -5.54 26.69
C LEU B 12 -10.74 -6.15 27.51
N VAL B 13 -10.72 -7.47 27.64
CA VAL B 13 -9.63 -8.18 28.32
C VAL B 13 -8.38 -8.19 27.41
N SER B 14 -7.25 -7.70 27.92
CA SER B 14 -5.99 -7.74 27.16
C SER B 14 -5.25 -9.05 27.44
N LYS B 15 -5.08 -9.85 26.39
CA LYS B 15 -4.42 -11.15 26.46
C LYS B 15 -3.39 -11.24 25.34
N PRO B 16 -2.20 -11.81 25.64
CA PRO B 16 -1.19 -12.02 24.58
C PRO B 16 -1.66 -12.99 23.49
N LEU B 17 -1.11 -12.87 22.29
CA LEU B 17 -1.29 -13.91 21.28
C LEU B 17 -0.77 -15.21 21.88
N PRO B 18 -1.60 -16.27 21.89
CA PRO B 18 -1.16 -17.53 22.53
C PRO B 18 -0.05 -18.19 21.74
N SER B 19 0.83 -18.90 22.44
CA SER B 19 2.02 -19.51 21.85
C SER B 19 1.78 -20.90 21.27
N ASN B 20 0.76 -21.59 21.80
CA ASN B 20 0.53 -23.01 21.49
C ASN B 20 1.74 -23.87 21.78
N SER B 21 2.62 -23.36 22.65
CA SER B 21 3.87 -24.03 23.03
C SER B 21 4.86 -24.18 21.88
N ARG B 22 4.67 -23.42 20.81
CA ARG B 22 5.62 -23.39 19.70
C ARG B 22 6.22 -21.99 19.59
N PRO B 23 7.38 -21.76 20.24
CA PRO B 23 8.04 -20.46 20.06
C PRO B 23 8.50 -20.23 18.62
N SER B 24 8.59 -18.96 18.23
CA SER B 24 9.18 -18.58 16.95
C SER B 24 9.56 -17.10 16.96
N ALA B 25 10.43 -16.71 16.01
CA ALA B 25 10.88 -15.34 15.88
C ALA B 25 9.70 -14.35 15.76
N THR B 26 8.71 -14.70 14.95
CA THR B 26 7.46 -13.94 14.84
C THR B 26 6.81 -13.69 16.23
N LEU B 27 6.67 -14.77 17.01
CA LEU B 27 6.00 -14.66 18.30
C LEU B 27 6.79 -13.80 19.28
N ASP B 28 8.12 -13.91 19.27
CA ASP B 28 8.99 -13.08 20.11
C ASP B 28 8.79 -11.59 19.83
N GLU B 29 8.73 -11.22 18.56
CA GLU B 29 8.54 -9.81 18.22
C GLU B 29 7.15 -9.34 18.58
N GLN B 30 6.16 -10.19 18.31
CA GLN B 30 4.77 -9.91 18.64
C GLN B 30 4.62 -9.64 20.15
N ALA B 31 5.13 -10.56 20.98
CA ALA B 31 5.04 -10.44 22.44
C ALA B 31 5.69 -9.15 22.95
N GLU B 32 6.88 -8.85 22.43
CA GLU B 32 7.58 -7.62 22.75
C GLU B 32 6.76 -6.37 22.39
N THR B 33 6.11 -6.42 21.22
CA THR B 33 5.26 -5.32 20.77
C THR B 33 4.02 -5.19 21.64
N GLU B 34 3.41 -6.33 21.98
CA GLU B 34 2.30 -6.38 22.92
C GLU B 34 2.63 -5.71 24.26
N ASP B 35 3.81 -6.02 24.79
CA ASP B 35 4.27 -5.43 26.05
C ASP B 35 4.37 -3.92 25.92
N LEU B 36 5.04 -3.44 24.86
CA LEU B 36 5.25 -2.01 24.62
C LEU B 36 3.96 -1.22 24.59
N ILE B 37 3.00 -1.71 23.82
CA ILE B 37 1.73 -1.00 23.61
C ILE B 37 0.83 -1.07 24.84
N SER B 38 0.69 -2.25 25.44
CA SER B 38 -0.14 -2.39 26.63
C SER B 38 0.41 -1.54 27.78
N GLN B 39 1.73 -1.43 27.88
CA GLN B 39 2.34 -0.61 28.93
C GLN B 39 2.01 0.87 28.79
N LEU B 40 2.02 1.37 27.55
CA LEU B 40 1.62 2.75 27.29
C LEU B 40 0.12 2.96 27.56
N PHE B 41 -0.72 2.03 27.12
CA PHE B 41 -2.14 2.08 27.46
C PHE B 41 -2.40 2.12 28.96
N ASP B 42 -1.66 1.30 29.71
CA ASP B 42 -1.74 1.26 31.18
C ASP B 42 -1.33 2.57 31.86
N LEU B 43 -0.39 3.29 31.26
CA LEU B 43 0.01 4.62 31.75
C LEU B 43 -0.95 5.76 31.36
N THR B 44 -1.87 5.49 30.44
CA THR B 44 -2.68 6.55 29.84
C THR B 44 -4.12 6.47 30.31
N ALA B 45 -4.70 7.62 30.64
CA ALA B 45 -6.10 7.67 31.03
C ALA B 45 -6.97 7.23 29.88
N ASP B 46 -7.98 6.44 30.19
CA ASP B 46 -8.97 6.02 29.20
C ASP B 46 -9.59 7.27 28.57
N PRO B 47 -9.44 7.45 27.22
CA PRO B 47 -9.97 8.66 26.57
C PRO B 47 -11.46 8.78 26.76
N ASN B 48 -12.13 7.65 26.99
CA ASN B 48 -13.58 7.66 27.07
C ASN B 48 -14.13 8.11 28.42
N ALA B 49 -13.27 8.15 29.44
CA ALA B 49 -13.72 8.43 30.81
C ALA B 49 -13.89 9.92 31.12
N LEU B 50 -14.95 10.23 31.88
CA LEU B 50 -15.19 11.58 32.40
C LEU B 50 -14.19 11.89 33.52
N VAL B 51 -14.12 10.99 34.49
CA VAL B 51 -13.13 11.10 35.57
C VAL B 51 -11.74 10.86 34.98
N SER B 52 -11.23 11.88 34.29
CA SER B 52 -9.91 11.88 33.64
C SER B 52 -8.84 11.67 34.72
N GLU B 53 -8.28 10.46 34.74
CA GLU B 53 -7.62 9.91 35.93
C GLU B 53 -6.36 10.65 36.39
N HIS B 54 -6.17 10.71 37.71
CA HIS B 54 -5.05 11.40 38.33
C HIS B 54 -3.77 10.61 38.24
N GLY B 55 -2.70 11.24 37.76
CA GLY B 55 -1.40 10.59 37.61
C GLY B 55 -1.19 9.95 36.25
N LYS B 56 -2.25 9.78 35.48
CA LYS B 56 -2.14 9.13 34.16
C LYS B 56 -1.99 10.17 33.06
N ARG B 57 -1.36 9.75 31.97
CA ARG B 57 -1.18 10.62 30.80
C ARG B 57 -2.53 10.93 30.15
N TYR B 58 -2.75 12.18 29.80
CA TYR B 58 -3.93 12.59 29.04
C TYR B 58 -3.73 12.31 27.54
N SER B 59 -4.67 11.56 26.94
CA SER B 59 -4.53 11.12 25.53
C SER B 59 -4.99 12.12 24.48
N GLY B 60 -5.47 13.30 24.89
CA GLY B 60 -5.98 14.27 23.92
C GLY B 60 -5.04 14.51 22.73
N LEU B 61 -5.63 14.67 21.54
CA LEU B 61 -4.83 14.89 20.34
C LEU B 61 -4.06 16.21 20.50
N ARG B 62 -2.74 16.14 20.42
CA ARG B 62 -1.89 17.29 20.70
C ARG B 62 -1.59 18.06 19.41
N LYS B 63 -2.63 18.72 18.91
CA LYS B 63 -2.64 19.31 17.58
C LYS B 63 -1.54 20.35 17.37
N GLN B 64 -1.27 21.12 18.41
CA GLN B 64 -0.29 22.18 18.32
C GLN B 64 1.12 21.62 18.25
N GLU B 65 1.38 20.58 19.04
CA GLU B 65 2.64 19.86 18.95
C GLU B 65 2.84 19.27 17.55
N HIS B 66 1.77 18.69 17.00
CA HIS B 66 1.86 18.10 15.67
C HIS B 66 2.07 19.18 14.61
N THR B 67 1.45 20.32 14.81
CA THR B 67 1.63 21.46 13.91
C THR B 67 3.07 21.94 13.96
N GLN B 68 3.61 22.10 15.17
CA GLN B 68 5.00 22.50 15.36
C GLN B 68 5.98 21.51 14.69
N PHE B 69 5.72 20.21 14.86
CA PHE B 69 6.50 19.15 14.22
C PHE B 69 6.56 19.32 12.68
N LEU B 70 5.44 19.67 12.09
CA LEU B 70 5.35 19.80 10.63
C LEU B 70 5.98 21.09 10.12
N ALA B 71 6.03 22.11 10.97
CA ALA B 71 6.57 23.40 10.55
C ALA B 71 8.05 23.28 10.19
N SER B 72 8.74 22.38 10.88
CA SER B 72 10.21 22.43 10.96
C SER B 72 10.94 21.36 10.17
N GLN B 76 13.20 23.99 6.24
CA GLN B 76 14.50 23.30 6.29
C GLN B 76 14.49 21.94 7.01
N LEU B 77 15.05 20.92 6.36
CA LEU B 77 15.20 19.58 6.94
C LEU B 77 16.67 19.17 7.12
N PRO B 78 16.98 18.46 8.22
CA PRO B 78 18.36 18.02 8.50
C PRO B 78 18.91 17.02 7.48
N GLY B 79 20.22 16.78 7.55
CA GLY B 79 20.96 15.90 6.63
C GLY B 79 20.48 14.47 6.46
N LYS B 80 19.98 13.88 7.53
CA LYS B 80 19.38 12.54 7.52
C LYS B 80 18.25 12.38 6.48
N PHE B 81 17.62 13.48 6.09
CA PHE B 81 16.53 13.41 5.10
C PHE B 81 17.00 13.22 3.65
N VAL B 82 18.32 13.11 3.43
CA VAL B 82 18.83 12.85 2.08
C VAL B 82 18.23 11.55 1.52
N SER B 83 17.86 10.64 2.40
CA SER B 83 17.24 9.39 2.00
C SER B 83 15.88 9.63 1.34
N LEU B 84 15.31 10.81 1.57
CA LEU B 84 14.03 11.22 0.94
C LEU B 84 14.16 12.34 -0.11
N ASP B 85 15.37 12.52 -0.63
CA ASP B 85 15.66 13.54 -1.64
C ASP B 85 14.90 13.28 -2.95
N ALA B 86 14.51 12.02 -3.17
CA ALA B 86 13.76 11.65 -4.37
C ALA B 86 12.28 11.50 -4.06
N SER B 87 11.88 12.00 -2.89
CA SER B 87 10.51 11.96 -2.43
C SER B 87 10.05 13.32 -1.89
N ARG B 88 10.63 14.41 -2.38
CA ARG B 88 10.24 15.71 -1.81
C ARG B 88 8.75 16.07 -1.96
N PRO B 89 8.11 15.69 -3.09
CA PRO B 89 6.66 15.92 -3.18
C PRO B 89 5.86 15.19 -2.12
N TRP B 90 6.35 14.04 -1.66
CA TRP B 90 5.72 13.32 -0.54
C TRP B 90 5.85 14.13 0.74
N LEU B 91 7.04 14.69 0.96
CA LEU B 91 7.25 15.55 2.10
C LEU B 91 6.30 16.74 2.10
N VAL B 92 6.06 17.31 0.91
CA VAL B 92 5.10 18.39 0.75
C VAL B 92 3.69 17.88 1.07
N PHE B 93 3.34 16.73 0.48
CA PHE B 93 2.02 16.16 0.68
C PHE B 93 1.73 15.77 2.13
N TRP B 94 2.66 15.07 2.77
CA TRP B 94 2.44 14.64 4.15
C TRP B 94 2.22 15.86 5.03
N THR B 95 2.91 16.96 4.72
CA THR B 95 2.83 18.19 5.50
C THR B 95 1.51 18.90 5.25
N VAL B 96 1.20 19.21 4.00
CA VAL B 96 0.02 20.04 3.70
C VAL B 96 -1.31 19.32 3.95
N HIS B 97 -1.32 18.01 3.72
CA HIS B 97 -2.51 17.23 4.04
C HIS B 97 -2.71 17.13 5.55
N SER B 98 -1.65 16.86 6.30
CA SER B 98 -1.76 16.84 7.78
C SER B 98 -2.27 18.19 8.28
N LEU B 99 -1.74 19.28 7.75
CA LEU B 99 -2.18 20.61 8.18
C LEU B 99 -3.67 20.82 7.89
N ASP B 100 -4.13 20.37 6.72
CA ASP B 100 -5.56 20.38 6.40
C ASP B 100 -6.38 19.57 7.42
N LEU B 101 -5.94 18.34 7.70
CA LEU B 101 -6.65 17.49 8.66
C LEU B 101 -6.65 18.16 10.03
N LEU B 102 -5.52 18.77 10.41
CA LEU B 102 -5.41 19.39 11.73
C LEU B 102 -6.13 20.72 11.81
N GLY B 103 -6.62 21.21 10.68
CA GLY B 103 -7.40 22.45 10.66
C GLY B 103 -6.55 23.71 10.67
N VAL B 104 -5.29 23.61 10.21
CA VAL B 104 -4.36 24.75 10.26
C VAL B 104 -4.13 25.32 8.86
N ALA B 105 -4.40 26.60 8.69
CA ALA B 105 -4.23 27.28 7.40
C ALA B 105 -2.81 27.74 7.17
N LEU B 106 -2.34 27.55 5.94
CA LEU B 106 -1.14 28.21 5.45
C LEU B 106 -1.53 29.61 4.97
N ASP B 107 -0.66 30.60 5.20
CA ASP B 107 -0.88 31.90 4.56
C ASP B 107 -0.60 31.82 3.05
N GLN B 108 -1.10 32.82 2.30
CA GLN B 108 -1.00 32.80 0.84
C GLN B 108 0.46 32.73 0.37
N GLY B 109 1.34 33.46 1.04
CA GLY B 109 2.79 33.45 0.73
C GLY B 109 3.39 32.05 0.80
N THR B 110 3.08 31.34 1.88
CA THR B 110 3.55 29.96 2.04
C THR B 110 2.92 29.03 0.99
N LYS B 111 1.62 29.17 0.75
CA LYS B 111 0.98 28.41 -0.32
C LYS B 111 1.64 28.66 -1.69
N ASP B 112 2.00 29.91 -1.96
CA ASP B 112 2.69 30.25 -3.21
C ASP B 112 4.07 29.59 -3.33
N ARG B 113 4.82 29.53 -2.22
CA ARG B 113 6.10 28.81 -2.19
C ARG B 113 5.91 27.31 -2.47
N VAL B 114 4.85 26.74 -1.90
CA VAL B 114 4.53 25.33 -2.12
C VAL B 114 4.28 25.07 -3.61
N VAL B 115 3.42 25.89 -4.21
CA VAL B 115 3.07 25.78 -5.61
C VAL B 115 4.32 25.93 -6.47
N SER B 116 5.08 27.00 -6.24
CA SER B 116 6.27 27.27 -7.05
C SER B 116 7.28 26.12 -6.93
N THR B 117 7.48 25.60 -5.71
CA THR B 117 8.39 24.48 -5.52
C THR B 117 7.98 23.28 -6.39
N LEU B 118 6.70 22.90 -6.31
CA LEU B 118 6.19 21.75 -7.04
C LEU B 118 6.28 21.91 -8.56
N LEU B 119 5.97 23.10 -9.06
CA LEU B 119 6.09 23.36 -10.50
C LEU B 119 7.52 23.22 -11.02
N HIS B 120 8.49 23.42 -10.12
CA HIS B 120 9.88 23.20 -10.51
C HIS B 120 10.20 21.71 -10.65
N PHE B 121 9.31 20.86 -10.12
CA PHE B 121 9.45 19.40 -10.23
C PHE B 121 8.76 18.83 -11.48
N LEU B 122 8.09 19.69 -12.25
CA LEU B 122 7.32 19.23 -13.41
C LEU B 122 8.17 19.31 -14.68
N SER B 123 8.34 18.18 -15.37
CA SER B 123 9.03 18.21 -16.67
C SER B 123 8.09 18.61 -17.80
N PRO B 124 8.59 19.43 -18.76
CA PRO B 124 7.82 19.78 -19.96
C PRO B 124 7.32 18.56 -20.74
N LYS B 125 8.08 17.48 -20.76
CA LYS B 125 7.64 16.29 -21.49
C LYS B 125 6.65 15.41 -20.75
N GLY B 126 6.39 15.75 -19.49
CA GLY B 126 5.29 15.14 -18.76
C GLY B 126 5.61 14.51 -17.42
N GLY B 127 4.89 14.95 -16.39
CA GLY B 127 4.93 14.29 -15.08
C GLY B 127 5.83 15.01 -14.11
N PHE B 128 5.65 14.74 -12.82
CA PHE B 128 6.49 15.33 -11.76
C PHE B 128 7.50 14.28 -11.32
N GLY B 129 8.72 14.71 -11.00
CA GLY B 129 9.71 13.84 -10.35
C GLY B 129 9.80 14.10 -8.85
N GLY B 130 10.75 13.43 -8.19
CA GLY B 130 10.85 13.54 -6.73
C GLY B 130 11.60 14.80 -6.31
N GLY B 131 11.91 15.63 -7.30
CA GLY B 131 12.67 16.84 -7.08
C GLY B 131 12.70 17.62 -8.38
N PRO B 132 13.55 18.66 -8.43
CA PRO B 132 13.63 19.52 -9.61
C PRO B 132 13.69 18.73 -10.92
N ALA B 133 13.01 19.21 -11.93
CA ALA B 133 13.05 18.59 -13.26
C ALA B 133 14.44 18.58 -13.90
N ASN B 134 15.32 19.50 -13.48
CA ASN B 134 16.71 19.47 -13.97
C ASN B 134 17.58 18.38 -13.30
N SER B 135 16.97 17.66 -12.37
CA SER B 135 17.68 16.69 -11.52
C SER B 135 17.06 15.30 -11.54
N GLN B 136 15.75 15.23 -11.71
CA GLN B 136 15.08 13.96 -11.52
C GLN B 136 14.08 13.73 -12.62
N ILE B 137 13.98 12.48 -13.07
CA ILE B 137 13.00 12.10 -14.07
C ILE B 137 11.60 11.94 -13.46
N PRO B 138 10.55 12.13 -14.29
CA PRO B 138 9.16 12.00 -13.81
C PRO B 138 8.87 10.59 -13.27
N HIS B 139 7.97 10.51 -12.29
CA HIS B 139 7.68 9.24 -11.59
C HIS B 139 6.22 9.32 -11.19
N LEU B 140 5.50 8.21 -11.29
CA LEU B 140 4.06 8.18 -11.01
C LEU B 140 3.73 8.61 -9.58
N LEU B 141 4.61 8.26 -8.64
CA LEU B 141 4.29 8.48 -7.23
C LEU B 141 4.38 9.96 -6.84
N PRO B 142 5.53 10.61 -7.09
CA PRO B 142 5.54 12.08 -6.91
C PRO B 142 4.53 12.82 -7.81
N THR B 143 4.13 12.25 -8.94
CA THR B 143 3.06 12.87 -9.75
C THR B 143 1.72 12.93 -8.95
N TYR B 144 1.35 11.82 -8.30
CA TYR B 144 0.22 11.84 -7.36
C TYR B 144 0.45 12.85 -6.23
N ALA B 145 1.61 12.77 -5.58
CA ALA B 145 1.87 13.63 -4.44
C ALA B 145 1.85 15.14 -4.79
N SER B 146 2.46 15.50 -5.93
CA SER B 146 2.47 16.90 -6.39
C SER B 146 1.07 17.36 -6.79
N VAL B 147 0.35 16.51 -7.53
CA VAL B 147 -1.03 16.83 -7.90
C VAL B 147 -1.92 17.07 -6.68
N CYS B 148 -1.87 16.19 -5.69
CA CYS B 148 -2.72 16.36 -4.52
C CYS B 148 -2.30 17.59 -3.73
N SER B 149 -0.99 17.81 -3.62
CA SER B 149 -0.46 18.97 -2.92
C SER B 149 -0.89 20.28 -3.58
N LEU B 150 -0.98 20.26 -4.91
CA LEU B 150 -1.48 21.43 -5.65
C LEU B 150 -2.96 21.63 -5.40
N ALA B 151 -3.71 20.52 -5.27
CA ALA B 151 -5.12 20.62 -4.86
C ALA B 151 -5.32 21.28 -3.47
N ILE B 152 -4.39 20.98 -2.57
CA ILE B 152 -4.44 21.50 -1.21
C ILE B 152 -3.97 22.96 -1.10
N ALA B 153 -2.87 23.30 -1.78
CA ALA B 153 -2.21 24.57 -1.57
C ALA B 153 -2.42 25.57 -2.71
N GLY B 154 -2.94 25.09 -3.85
CA GLY B 154 -3.02 25.93 -5.07
C GLY B 154 -4.38 26.57 -5.26
N ASN B 155 -4.58 27.18 -6.42
CA ASN B 155 -5.82 27.90 -6.72
C ASN B 155 -5.89 28.21 -8.22
N ASP B 156 -7.00 28.80 -8.67
CA ASP B 156 -7.24 29.06 -10.10
C ASP B 156 -6.61 30.33 -10.69
N SER B 157 -5.95 31.14 -9.85
CA SER B 157 -5.29 32.36 -10.33
C SER B 157 -4.06 32.03 -11.19
N SER B 158 -3.40 33.06 -11.72
CA SER B 158 -2.22 32.86 -12.56
C SER B 158 -1.00 32.31 -11.80
N THR B 159 -0.96 32.53 -10.48
CA THR B 159 0.14 32.00 -9.67
C THR B 159 -0.26 30.77 -8.83
N GLY B 160 -1.45 30.23 -9.08
CA GLY B 160 -2.00 29.16 -8.25
C GLY B 160 -1.69 27.73 -8.70
N GLY B 161 -0.95 27.57 -9.80
CA GLY B 161 -0.53 26.22 -10.23
C GLY B 161 -1.53 25.33 -10.96
N TRP B 162 -2.82 25.54 -10.73
CA TRP B 162 -3.83 24.72 -11.42
C TRP B 162 -3.77 24.95 -12.93
N LYS B 163 -3.59 26.21 -13.32
CA LYS B 163 -3.48 26.59 -14.73
C LYS B 163 -2.30 25.89 -15.42
N ASP B 164 -1.16 25.81 -14.72
CA ASP B 164 -0.01 25.03 -15.20
C ASP B 164 -0.32 23.53 -15.37
N LEU B 165 -1.03 22.96 -14.40
CA LEU B 165 -1.45 21.56 -14.51
C LEU B 165 -2.35 21.34 -15.72
N ALA B 166 -3.28 22.27 -15.93
CA ALA B 166 -4.19 22.16 -17.08
C ALA B 166 -3.40 22.17 -18.38
N ALA B 167 -2.40 23.05 -18.49
CA ALA B 167 -1.59 23.13 -19.72
C ALA B 167 -0.73 21.86 -19.85
N ALA B 168 -0.47 21.19 -18.73
CA ALA B 168 0.40 20.02 -18.75
C ALA B 168 -0.35 18.71 -19.01
N ARG B 169 -1.67 18.78 -19.22
CA ARG B 169 -2.52 17.58 -19.32
C ARG B 169 -2.07 16.58 -20.39
N GLN B 170 -1.76 17.10 -21.59
CA GLN B 170 -1.34 16.27 -22.71
C GLN B 170 0.02 15.60 -22.44
N SER B 171 0.98 16.34 -21.89
CA SER B 171 2.31 15.77 -21.65
C SER B 171 2.22 14.74 -20.52
N ILE B 172 1.45 15.05 -19.48
CA ILE B 172 1.25 14.10 -18.38
C ILE B 172 0.65 12.81 -18.93
N TYR B 173 -0.37 12.95 -19.76
CA TYR B 173 -1.02 11.80 -20.40
C TYR B 173 0.00 10.99 -21.21
N GLU B 174 0.80 11.68 -22.00
CA GLU B 174 1.85 11.02 -22.79
C GLU B 174 2.88 10.29 -21.92
N PHE B 175 3.23 10.89 -20.78
CA PHE B 175 4.07 10.19 -19.77
C PHE B 175 3.38 8.92 -19.24
N PHE B 176 2.10 9.02 -18.92
CA PHE B 176 1.34 7.86 -18.44
C PHE B 176 1.37 6.74 -19.50
N MET B 177 1.15 7.11 -20.77
CA MET B 177 1.18 6.15 -21.89
C MET B 177 2.57 5.52 -22.13
N ARG B 178 3.63 6.31 -21.92
CA ARG B 178 5.01 5.76 -21.93
C ARG B 178 5.23 4.72 -20.83
N CYS B 179 4.59 4.95 -19.67
CA CYS B 179 4.69 4.02 -18.55
C CYS B 179 3.92 2.71 -18.75
N LYS B 180 3.00 2.70 -19.70
CA LYS B 180 2.04 1.60 -19.85
C LYS B 180 2.64 0.36 -20.48
N ARG B 181 2.36 -0.79 -19.87
CA ARG B 181 2.76 -2.10 -20.36
C ARG B 181 1.56 -2.79 -20.95
N PRO B 182 1.76 -3.68 -21.94
CA PRO B 182 0.61 -4.32 -22.58
C PRO B 182 -0.26 -5.15 -21.64
N ASP B 183 0.29 -5.66 -20.54
CA ASP B 183 -0.49 -6.51 -19.61
C ASP B 183 -1.43 -5.73 -18.68
N GLY B 184 -1.35 -4.40 -18.70
CA GLY B 184 -2.18 -3.54 -17.85
C GLY B 184 -1.38 -2.92 -16.70
N GLY B 185 -0.14 -3.34 -16.51
CA GLY B 185 0.71 -2.75 -15.48
C GLY B 185 1.29 -1.42 -15.99
N PHE B 186 1.84 -0.64 -15.07
CA PHE B 186 2.60 0.57 -15.42
C PHE B 186 3.96 0.55 -14.71
N VAL B 187 5.03 0.93 -15.40
CA VAL B 187 6.29 1.19 -14.71
C VAL B 187 6.12 2.53 -13.98
N VAL B 188 6.76 2.68 -12.83
CA VAL B 188 6.61 3.91 -12.05
C VAL B 188 7.36 5.07 -12.68
N CYS B 189 8.37 4.74 -13.47
CA CYS B 189 9.20 5.74 -14.16
C CYS B 189 9.92 5.00 -15.28
N GLU B 190 10.63 5.73 -16.13
CA GLU B 190 11.42 5.08 -17.16
C GLU B 190 12.37 4.04 -16.52
N GLY B 191 12.29 2.81 -17.03
CA GLY B 191 13.08 1.70 -16.52
C GLY B 191 12.68 1.19 -15.12
N GLY B 192 11.53 1.63 -14.62
CA GLY B 192 11.17 1.40 -13.22
C GLY B 192 10.33 0.18 -12.92
N GLU B 193 10.06 -0.05 -11.64
CA GLU B 193 9.30 -1.22 -11.21
C GLU B 193 7.81 -1.10 -11.59
N VAL B 194 7.19 -2.25 -11.81
CA VAL B 194 5.79 -2.29 -12.10
C VAL B 194 5.05 -2.70 -10.85
N ASP B 195 4.21 -1.82 -10.33
CA ASP B 195 3.29 -2.22 -9.26
C ASP B 195 2.07 -1.36 -9.12
N VAL B 196 1.21 -1.79 -8.22
CA VAL B 196 -0.12 -1.28 -8.14
C VAL B 196 -0.14 0.13 -7.49
N ARG B 197 0.95 0.50 -6.79
CA ARG B 197 1.12 1.88 -6.31
C ARG B 197 1.13 2.83 -7.51
N GLY B 198 1.81 2.44 -8.59
CA GLY B 198 1.90 3.24 -9.81
C GLY B 198 0.52 3.36 -10.43
N THR B 199 -0.17 2.23 -10.53
CA THR B 199 -1.54 2.18 -11.03
C THR B 199 -2.42 3.14 -10.23
N TYR B 200 -2.33 3.08 -8.92
CA TYR B 200 -3.17 3.90 -8.06
C TYR B 200 -2.89 5.37 -8.30
N CYS B 201 -1.61 5.73 -8.29
CA CYS B 201 -1.21 7.14 -8.39
C CYS B 201 -1.58 7.72 -9.75
N LEU B 202 -1.39 6.90 -10.80
CA LEU B 202 -1.78 7.27 -12.16
C LEU B 202 -3.30 7.47 -12.30
N LEU B 203 -4.08 6.52 -11.79
CA LEU B 203 -5.56 6.61 -11.94
C LEU B 203 -6.16 7.80 -11.15
N VAL B 204 -5.61 8.10 -9.98
CA VAL B 204 -6.06 9.27 -9.25
C VAL B 204 -5.84 10.52 -10.10
N VAL B 205 -4.63 10.68 -10.63
CA VAL B 205 -4.28 11.87 -11.41
C VAL B 205 -5.08 11.92 -12.72
N ALA B 206 -5.22 10.79 -13.40
CA ALA B 206 -5.96 10.78 -14.68
C ALA B 206 -7.43 11.15 -14.44
N THR B 207 -7.98 10.66 -13.34
CA THR B 207 -9.35 10.99 -12.93
C THR B 207 -9.52 12.48 -12.66
N LEU B 208 -8.63 13.03 -11.82
CA LEU B 208 -8.69 14.45 -11.44
C LEU B 208 -8.52 15.43 -12.62
N LEU B 209 -7.69 15.07 -13.61
CA LEU B 209 -7.30 16.02 -14.67
C LEU B 209 -8.06 15.82 -15.99
N ASP B 210 -9.01 14.88 -16.00
CA ASP B 210 -9.80 14.56 -17.20
C ASP B 210 -8.87 14.09 -18.31
N ILE B 211 -8.07 13.05 -18.03
CA ILE B 211 -7.21 12.52 -19.09
C ILE B 211 -7.31 11.01 -19.21
N ILE B 212 -8.48 10.48 -18.87
CA ILE B 212 -8.75 9.06 -19.00
C ILE B 212 -9.17 8.76 -20.44
N THR B 213 -8.56 7.73 -21.03
CA THR B 213 -8.96 7.20 -22.33
C THR B 213 -9.03 5.68 -22.28
N PRO B 214 -9.74 5.06 -23.26
CA PRO B 214 -9.72 3.61 -23.37
C PRO B 214 -8.32 2.98 -23.52
N GLU B 215 -7.45 3.56 -24.34
CA GLU B 215 -6.11 2.99 -24.54
C GLU B 215 -5.30 3.04 -23.24
N LEU B 216 -5.50 4.09 -22.44
CA LEU B 216 -4.84 4.21 -21.14
C LEU B 216 -5.23 3.07 -20.21
N LEU B 217 -6.49 2.67 -20.27
CA LEU B 217 -7.03 1.70 -19.32
C LEU B 217 -7.02 0.25 -19.74
N HIS B 218 -6.64 -0.04 -20.98
CA HIS B 218 -6.75 -1.43 -21.44
C HIS B 218 -5.92 -2.35 -20.56
N ASN B 219 -6.54 -3.44 -20.11
CA ASN B 219 -5.93 -4.47 -19.25
C ASN B 219 -5.63 -4.02 -17.83
N VAL B 220 -5.77 -2.73 -17.55
CA VAL B 220 -5.42 -2.21 -16.23
C VAL B 220 -6.25 -2.86 -15.13
N ASP B 221 -7.55 -3.08 -15.40
CA ASP B 221 -8.42 -3.82 -14.49
C ASP B 221 -7.92 -5.25 -14.22
N LYS B 222 -7.49 -5.93 -15.28
CA LYS B 222 -6.97 -7.30 -15.19
C LYS B 222 -5.69 -7.41 -14.39
N PHE B 223 -4.77 -6.47 -14.60
CA PHE B 223 -3.56 -6.44 -13.79
C PHE B 223 -3.91 -6.37 -12.30
N VAL B 224 -4.80 -5.44 -11.96
CA VAL B 224 -5.17 -5.16 -10.55
C VAL B 224 -5.89 -6.36 -9.95
N SER B 225 -6.88 -6.87 -10.67
CA SER B 225 -7.64 -8.01 -10.17
C SER B 225 -6.75 -9.26 -9.86
N ALA B 226 -5.74 -9.53 -10.70
CA ALA B 226 -4.83 -10.65 -10.45
C ALA B 226 -3.82 -10.41 -9.30
N CYS B 227 -3.76 -9.20 -8.78
CA CYS B 227 -3.01 -8.92 -7.56
C CYS B 227 -3.64 -9.49 -6.28
N GLN B 228 -4.91 -9.89 -6.35
CA GLN B 228 -5.59 -10.36 -5.14
C GLN B 228 -5.08 -11.77 -4.77
N THR B 229 -4.72 -11.96 -3.50
CA THR B 229 -4.15 -13.22 -3.06
C THR B 229 -5.22 -14.12 -2.42
N TYR B 230 -4.86 -15.35 -2.09
CA TYR B 230 -5.79 -16.27 -1.43
C TYR B 230 -6.23 -15.75 -0.05
N GLU B 231 -5.45 -14.84 0.52
CA GLU B 231 -5.84 -14.21 1.79
C GLU B 231 -6.91 -13.13 1.63
N GLY B 232 -7.11 -12.61 0.41
CA GLY B 232 -8.18 -11.64 0.16
C GLY B 232 -7.70 -10.21 -0.01
N GLY B 233 -6.52 -9.91 0.54
CA GLY B 233 -5.84 -8.64 0.25
C GLY B 233 -5.12 -8.72 -1.09
N PHE B 234 -4.33 -7.69 -1.41
CA PHE B 234 -3.66 -7.62 -2.70
C PHE B 234 -2.15 -7.45 -2.58
N ALA B 235 -1.45 -8.10 -3.48
CA ALA B 235 -0.02 -8.00 -3.57
C ALA B 235 0.40 -6.80 -4.42
N CYS B 236 1.71 -6.54 -4.50
CA CYS B 236 2.25 -5.43 -5.29
C CYS B 236 1.98 -5.56 -6.76
N ALA B 237 1.94 -6.77 -7.29
CA ALA B 237 1.84 -6.93 -8.74
C ALA B 237 1.37 -8.34 -9.10
N SER B 238 0.95 -8.49 -10.34
CA SER B 238 0.65 -9.81 -10.89
C SER B 238 1.57 -10.02 -12.09
N PHE B 239 1.90 -11.29 -12.36
CA PHE B 239 2.79 -11.65 -13.46
C PHE B 239 1.96 -12.32 -14.54
N PRO B 240 2.12 -11.83 -15.79
CA PRO B 240 1.43 -12.33 -16.97
C PRO B 240 2.23 -13.43 -17.67
N PHE B 241 1.70 -14.64 -17.65
CA PHE B 241 2.32 -15.74 -18.39
C PHE B 241 1.80 -15.70 -19.84
N PRO B 242 2.72 -15.69 -20.83
CA PRO B 242 2.33 -15.60 -22.26
C PRO B 242 1.88 -16.95 -22.82
N GLU B 255 -3.80 -10.12 -23.23
CA GLU B 255 -2.74 -10.94 -23.83
C GLU B 255 -2.43 -12.31 -23.14
N PRO B 256 -2.22 -12.33 -21.81
CA PRO B 256 -1.62 -13.52 -21.16
C PRO B 256 -2.54 -14.74 -21.02
N SER B 257 -1.95 -15.93 -21.05
CA SER B 257 -2.67 -17.17 -20.74
C SER B 257 -3.11 -17.22 -19.26
N CYS B 258 -2.31 -16.62 -18.36
CA CYS B 258 -2.72 -16.49 -16.97
C CYS B 258 -1.92 -15.44 -16.18
N ARG B 259 -2.52 -14.88 -15.15
CA ARG B 259 -1.86 -13.90 -14.28
C ARG B 259 -1.87 -14.40 -12.84
N VAL B 260 -0.76 -14.19 -12.15
CA VAL B 260 -0.52 -14.76 -10.84
C VAL B 260 0.02 -13.65 -9.94
N SER B 261 -0.53 -13.55 -8.73
CA SER B 261 -0.06 -12.54 -7.76
C SER B 261 1.38 -12.86 -7.34
N MET B 262 2.16 -11.80 -7.08
CA MET B 262 3.60 -11.98 -6.92
CA MET B 262 3.62 -11.92 -6.93
C MET B 262 4.14 -11.88 -5.50
N ALA B 263 3.27 -11.69 -4.53
CA ALA B 263 3.70 -11.70 -3.11
C ALA B 263 2.48 -11.66 -2.19
N GLU B 264 2.69 -11.35 -0.91
CA GLU B 264 1.61 -11.35 0.08
C GLU B 264 0.64 -10.20 -0.09
N ALA B 265 -0.58 -10.44 0.37
CA ALA B 265 -1.52 -9.38 0.68
C ALA B 265 -0.86 -8.45 1.69
N HIS B 266 -0.84 -7.17 1.33
CA HIS B 266 -0.26 -6.12 2.16
C HIS B 266 -1.19 -4.91 2.19
N GLY B 267 -1.32 -4.27 3.34
CA GLY B 267 -2.18 -3.08 3.46
C GLY B 267 -1.89 -1.98 2.45
N GLY B 268 -0.61 -1.72 2.20
CA GLY B 268 -0.25 -0.67 1.23
C GLY B 268 -0.77 -0.98 -0.16
N TYR B 269 -0.53 -2.21 -0.63
CA TYR B 269 -0.95 -2.63 -1.96
C TYR B 269 -2.44 -2.92 -2.04
N THR B 270 -3.05 -3.32 -0.93
CA THR B 270 -4.51 -3.52 -0.85
C THR B 270 -5.25 -2.17 -0.94
N SER B 271 -4.75 -1.16 -0.23
CA SER B 271 -5.28 0.18 -0.36
C SER B 271 -5.19 0.64 -1.84
N CYS B 272 -4.02 0.49 -2.45
CA CYS B 272 -3.84 0.93 -3.84
C CYS B 272 -4.68 0.14 -4.83
N SER B 273 -4.83 -1.16 -4.60
CA SER B 273 -5.64 -2.01 -5.47
C SER B 273 -7.13 -1.72 -5.36
N LEU B 274 -7.65 -1.65 -4.14
CA LEU B 274 -9.07 -1.32 -3.91
C LEU B 274 -9.42 0.04 -4.49
N ASN B 275 -8.56 1.02 -4.24
CA ASN B 275 -8.76 2.38 -4.73
C ASN B 275 -8.72 2.43 -6.25
N SER B 276 -7.75 1.73 -6.85
CA SER B 276 -7.63 1.63 -8.30
C SER B 276 -8.88 0.99 -8.87
N HIS B 277 -9.22 -0.19 -8.37
CA HIS B 277 -10.40 -0.88 -8.82
C HIS B 277 -11.62 0.04 -8.69
N PHE B 278 -11.71 0.76 -7.57
CA PHE B 278 -12.88 1.61 -7.33
C PHE B 278 -12.97 2.71 -8.39
N LEU B 279 -11.84 3.35 -8.69
CA LEU B 279 -11.77 4.39 -9.73
C LEU B 279 -12.21 3.85 -11.09
N LEU B 280 -11.84 2.62 -11.39
CA LEU B 280 -12.22 1.97 -12.66
C LEU B 280 -13.73 1.65 -12.79
N THR B 281 -14.42 1.47 -11.65
CA THR B 281 -15.85 1.13 -11.70
C THR B 281 -16.70 2.28 -12.27
N SER B 282 -16.18 3.50 -12.27
CA SER B 282 -16.98 4.56 -12.92
C SER B 282 -16.73 4.77 -14.42
N VAL B 283 -15.81 3.99 -14.98
CA VAL B 283 -15.45 4.13 -16.39
C VAL B 283 -16.39 3.26 -17.24
N PRO B 284 -17.15 3.87 -18.17
CA PRO B 284 -18.14 3.13 -18.97
C PRO B 284 -17.52 2.37 -20.15
N LEU B 285 -16.63 1.42 -19.87
CA LEU B 285 -16.17 0.48 -20.88
C LEU B 285 -16.97 -0.82 -20.78
N PRO B 286 -17.12 -1.55 -21.91
CA PRO B 286 -17.86 -2.83 -21.81
C PRO B 286 -17.10 -3.91 -21.02
N SER B 287 -17.82 -4.65 -20.17
CA SER B 287 -17.28 -5.71 -19.32
C SER B 287 -16.07 -5.27 -18.50
N PHE B 288 -16.16 -4.10 -17.89
CA PHE B 288 -15.00 -3.46 -17.27
C PHE B 288 -15.51 -2.65 -16.09
N PRO B 289 -14.78 -2.71 -14.95
CA PRO B 289 -13.52 -3.45 -14.75
C PRO B 289 -13.77 -4.92 -14.37
N LEU B 290 -12.83 -5.81 -14.71
CA LEU B 290 -12.90 -7.21 -14.27
C LEU B 290 -13.08 -7.22 -12.75
N SER B 291 -13.98 -8.07 -12.27
CA SER B 291 -14.34 -8.05 -10.86
C SER B 291 -13.16 -8.45 -9.94
N ILE B 292 -13.23 -8.01 -8.68
CA ILE B 292 -12.39 -8.55 -7.62
C ILE B 292 -13.32 -9.31 -6.69
N ASP B 293 -12.75 -10.07 -5.75
CA ASP B 293 -13.53 -10.73 -4.72
C ASP B 293 -13.67 -9.74 -3.56
N ALA B 294 -14.77 -8.99 -3.54
CA ALA B 294 -14.91 -7.91 -2.57
C ALA B 294 -15.08 -8.42 -1.13
N ASN B 295 -15.84 -9.52 -0.95
CA ASN B 295 -16.01 -10.15 0.36
C ASN B 295 -14.67 -10.54 1.00
N ALA B 296 -13.81 -11.17 0.21
CA ALA B 296 -12.49 -11.60 0.71
C ALA B 296 -11.61 -10.40 1.08
N ALA B 297 -11.72 -9.31 0.31
CA ALA B 297 -10.97 -8.08 0.60
C ALA B 297 -11.43 -7.42 1.91
N LEU B 298 -12.75 -7.41 2.13
CA LEU B 298 -13.32 -6.90 3.37
C LEU B 298 -12.92 -7.76 4.57
N ARG B 299 -13.03 -9.07 4.41
CA ARG B 299 -12.56 -10.02 5.42
C ARG B 299 -11.08 -9.76 5.77
N TRP B 300 -10.23 -9.67 4.76
CA TRP B 300 -8.81 -9.46 5.01
C TRP B 300 -8.59 -8.15 5.78
N THR B 301 -9.31 -7.11 5.36
CA THR B 301 -9.20 -5.79 5.95
C THR B 301 -9.51 -5.83 7.44
N VAL B 302 -10.68 -6.37 7.79
CA VAL B 302 -11.10 -6.40 9.21
C VAL B 302 -10.21 -7.31 10.04
N LEU B 303 -9.70 -8.38 9.44
CA LEU B 303 -8.81 -9.30 10.15
C LEU B 303 -7.45 -8.67 10.52
N GLN B 304 -7.07 -7.57 9.85
CA GLN B 304 -5.81 -6.90 10.20
C GLN B 304 -5.92 -5.95 11.40
N GLN B 305 -7.13 -5.76 11.94
CA GLN B 305 -7.19 -4.90 13.13
C GLN B 305 -6.66 -5.66 14.35
N GLY B 306 -5.69 -5.05 15.02
CA GLY B 306 -5.01 -5.67 16.16
C GLY B 306 -5.93 -5.91 17.34
N GLU B 307 -5.51 -6.81 18.22
CA GLU B 307 -6.23 -7.14 19.45
C GLU B 307 -6.12 -6.00 20.46
N PRO B 308 -6.99 -5.98 21.50
CA PRO B 308 -6.88 -4.99 22.58
C PRO B 308 -5.50 -4.81 23.19
N ILE B 309 -4.75 -5.90 23.39
CA ILE B 309 -3.38 -5.79 23.91
C ILE B 309 -2.43 -4.96 22.99
N GLU B 310 -2.73 -4.90 21.68
CA GLU B 310 -1.90 -4.13 20.76
C GLU B 310 -2.64 -2.84 20.34
N GLY B 311 -3.64 -2.46 21.15
CA GLY B 311 -4.28 -1.16 21.06
C GLY B 311 -5.29 -0.98 19.94
N GLY B 312 -5.63 -2.05 19.23
CA GLY B 312 -6.57 -1.95 18.12
C GLY B 312 -6.07 -1.21 16.87
N GLY B 313 -4.75 -1.03 16.77
CA GLY B 313 -4.15 -0.54 15.52
C GLY B 313 -4.18 -1.64 14.46
N PHE B 314 -4.00 -1.26 13.21
CA PHE B 314 -3.93 -2.23 12.09
C PHE B 314 -2.50 -2.67 11.86
N ARG B 315 -2.34 -3.96 11.55
CA ARG B 315 -1.08 -4.45 10.96
C ARG B 315 -1.22 -4.41 9.45
N GLY B 316 -0.10 -4.51 8.74
CA GLY B 316 -0.12 -4.43 7.26
C GLY B 316 -0.19 -5.78 6.56
N ARG B 317 0.08 -6.86 7.28
CA ARG B 317 -0.01 -8.21 6.73
C ARG B 317 -0.02 -9.21 7.89
N THR B 318 -0.54 -10.40 7.60
CA THR B 318 -0.70 -11.43 8.58
C THR B 318 0.62 -11.79 9.28
N ASN B 319 0.53 -11.96 10.60
CA ASN B 319 1.66 -12.31 11.46
C ASN B 319 2.81 -11.31 11.47
N LYS B 320 2.54 -10.06 11.09
CA LYS B 320 3.50 -8.97 11.38
C LYS B 320 2.87 -8.03 12.39
N LEU B 321 3.44 -6.84 12.56
CA LEU B 321 3.11 -5.96 13.69
C LEU B 321 2.21 -4.79 13.32
N VAL B 322 1.40 -4.37 14.30
CA VAL B 322 0.53 -3.22 14.13
C VAL B 322 1.40 -1.99 13.92
N ASP B 323 0.86 -1.01 13.21
CA ASP B 323 1.62 0.18 12.84
C ASP B 323 0.62 1.28 12.48
N GLY B 324 0.78 2.44 13.10
CA GLY B 324 -0.10 3.60 12.87
C GLY B 324 -0.37 3.98 11.41
N CYS B 325 0.58 3.79 10.51
CA CYS B 325 0.35 4.20 9.12
C CYS B 325 -0.76 3.37 8.47
N TYR B 326 -0.94 2.13 8.94
CA TYR B 326 -1.98 1.25 8.39
C TYR B 326 -3.39 1.68 8.76
N SER B 327 -3.50 2.59 9.73
CA SER B 327 -4.78 3.24 9.96
C SER B 327 -5.33 3.84 8.64
N TRP B 328 -4.44 4.44 7.87
CA TRP B 328 -4.83 4.90 6.53
C TRP B 328 -4.88 3.74 5.52
N TRP B 329 -3.78 3.00 5.37
CA TRP B 329 -3.72 2.03 4.25
C TRP B 329 -4.79 0.96 4.39
N VAL B 330 -4.99 0.45 5.61
CA VAL B 330 -5.97 -0.61 5.79
C VAL B 330 -7.32 -0.02 6.21
N GLY B 331 -7.34 0.81 7.24
CA GLY B 331 -8.60 1.41 7.71
C GLY B 331 -9.29 2.24 6.61
N GLY B 332 -8.48 2.97 5.84
CA GLY B 332 -8.99 3.80 4.76
C GLY B 332 -9.48 3.01 3.57
N GLY B 333 -9.08 1.73 3.48
CA GLY B 333 -9.63 0.86 2.44
C GLY B 333 -10.96 0.23 2.83
N ALA B 334 -11.29 0.29 4.12
CA ALA B 334 -12.55 -0.33 4.61
C ALA B 334 -13.81 0.21 3.93
N PRO B 335 -13.98 1.55 3.84
CA PRO B 335 -15.21 2.03 3.19
C PRO B 335 -15.29 1.65 1.71
N VAL B 336 -14.13 1.53 1.08
CA VAL B 336 -14.06 1.11 -0.32
C VAL B 336 -14.51 -0.34 -0.45
N ALA B 337 -13.89 -1.23 0.35
CA ALA B 337 -14.27 -2.66 0.35
C ALA B 337 -15.75 -2.80 0.69
N GLU B 338 -16.19 -2.00 1.66
CA GLU B 338 -17.57 -2.03 2.09
C GLU B 338 -18.55 -1.67 0.97
N GLU B 339 -18.24 -0.61 0.24
CA GLU B 339 -19.05 -0.19 -0.88
C GLU B 339 -19.08 -1.25 -1.98
N LEU B 340 -17.92 -1.83 -2.30
CA LEU B 340 -17.85 -2.90 -3.29
C LEU B 340 -18.67 -4.13 -2.87
N VAL B 341 -18.59 -4.51 -1.58
CA VAL B 341 -19.46 -5.57 -1.06
C VAL B 341 -20.94 -5.18 -1.16
N ARG B 342 -21.27 -3.94 -0.80
CA ARG B 342 -22.66 -3.49 -0.90
C ARG B 342 -23.18 -3.65 -2.33
N ARG B 343 -22.38 -3.25 -3.31
CA ARG B 343 -22.79 -3.35 -4.73
C ARG B 343 -23.03 -4.79 -5.17
N GLU B 344 -22.14 -5.69 -4.75
CA GLU B 344 -22.23 -7.11 -5.11
C GLU B 344 -23.54 -7.70 -4.54
N LYS B 345 -23.89 -7.26 -3.34
CA LYS B 345 -25.14 -7.71 -2.71
C LYS B 345 -26.42 -7.16 -3.38
N SER B 346 -26.33 -5.97 -3.99
CA SER B 346 -27.43 -5.40 -4.78
C SER B 346 -27.61 -6.12 -6.11
N ARG B 347 -26.49 -6.51 -6.72
CA ARG B 347 -26.48 -7.19 -8.01
C ARG B 347 -26.85 -8.67 -7.89
N LYS B 348 -27.01 -9.15 -6.65
CA LYS B 348 -27.58 -10.46 -6.38
C LYS B 348 -29.07 -10.33 -6.04
N VAL B 349 -29.40 -9.29 -5.26
CA VAL B 349 -30.79 -9.01 -4.87
C VAL B 349 -31.51 -8.22 -5.97
N ILE B 371 -27.11 -0.33 10.49
CA ILE B 371 -25.94 -1.08 10.04
C ILE B 371 -24.67 -0.78 10.87
N PRO B 372 -24.09 -1.82 11.52
CA PRO B 372 -22.96 -1.60 12.43
C PRO B 372 -21.68 -1.25 11.66
N PRO B 373 -20.73 -0.56 12.34
CA PRO B 373 -19.43 -0.29 11.75
C PRO B 373 -18.72 -1.58 11.37
N ILE B 374 -17.96 -1.55 10.29
CA ILE B 374 -17.31 -2.76 9.83
C ILE B 374 -15.95 -3.05 10.47
N PHE B 375 -15.30 -2.01 11.00
CA PHE B 375 -14.14 -2.18 11.84
C PHE B 375 -14.35 -1.42 13.15
N ASN B 376 -13.49 -1.70 14.14
CA ASN B 376 -13.62 -1.03 15.42
C ASN B 376 -13.09 0.41 15.32
N ARG B 377 -14.01 1.31 14.99
CA ARG B 377 -13.72 2.74 14.84
C ARG B 377 -13.27 3.39 16.13
N VAL B 378 -13.75 2.89 17.27
CA VAL B 378 -13.36 3.43 18.56
C VAL B 378 -11.92 3.04 18.86
N ALA B 379 -11.61 1.74 18.74
CA ALA B 379 -10.26 1.23 19.05
C ALA B 379 -9.18 1.87 18.20
N LEU B 380 -9.46 2.09 16.91
CA LEU B 380 -8.48 2.71 16.00
C LEU B 380 -8.11 4.12 16.48
N GLN B 381 -9.11 4.88 16.91
CA GLN B 381 -8.87 6.20 17.49
C GLN B 381 -8.01 6.10 18.76
N GLU B 382 -8.36 5.14 19.63
CA GLU B 382 -7.61 4.91 20.85
C GLU B 382 -6.15 4.60 20.53
N PHE B 383 -5.90 3.74 19.53
CA PHE B 383 -4.52 3.48 19.14
C PHE B 383 -3.84 4.81 18.74
N THR B 384 -4.51 5.61 17.91
CA THR B 384 -3.97 6.88 17.45
C THR B 384 -3.62 7.82 18.59
N LEU B 385 -4.57 8.02 19.51
CA LEU B 385 -4.41 8.98 20.60
C LEU B 385 -3.40 8.53 21.63
N VAL B 386 -3.48 7.25 21.98
CA VAL B 386 -2.71 6.69 23.08
C VAL B 386 -1.32 6.22 22.62
N ALA B 387 -1.26 5.48 21.50
CA ALA B 387 -0.01 4.85 21.09
C ALA B 387 0.77 5.59 20.01
N ALA B 388 0.06 6.21 19.08
CA ALA B 388 0.68 6.75 17.86
C ALA B 388 1.23 8.18 17.97
N GLN B 389 0.79 8.92 18.98
CA GLN B 389 1.29 10.27 19.19
C GLN B 389 2.63 10.20 19.89
N GLN B 390 3.55 11.06 19.46
CA GLN B 390 4.75 11.30 20.23
C GLN B 390 4.37 11.65 21.68
N ASP B 391 5.18 11.18 22.62
CA ASP B 391 5.02 11.50 24.03
C ASP B 391 4.95 13.02 24.21
N PRO B 392 4.07 13.49 25.12
CA PRO B 392 3.75 14.92 25.21
C PRO B 392 4.95 15.74 25.62
N GLY B 393 4.98 17.00 25.20
CA GLY B 393 6.02 17.97 25.60
C GLY B 393 7.37 17.75 24.95
N SER B 394 7.37 17.09 23.81
CA SER B 394 8.59 16.75 23.08
C SER B 394 8.50 17.36 21.67
N THR B 395 8.92 16.62 20.65
CA THR B 395 8.93 17.10 19.27
C THR B 395 7.55 17.16 18.60
N GLY B 396 6.56 16.46 19.17
CA GLY B 396 5.30 16.23 18.46
C GLY B 396 5.46 15.29 17.26
N GLY B 397 4.40 15.17 16.47
CA GLY B 397 4.40 14.23 15.37
C GLY B 397 3.79 12.91 15.81
N LEU B 398 3.36 12.11 14.83
CA LEU B 398 2.85 10.77 15.12
C LEU B 398 3.78 9.73 14.49
N ARG B 399 3.64 8.48 14.92
CA ARG B 399 4.66 7.48 14.70
C ARG B 399 4.02 6.13 14.37
N ASP B 400 4.87 5.20 13.98
CA ASP B 400 4.51 3.82 13.72
C ASP B 400 3.96 3.14 15.00
N LYS B 401 4.78 3.12 16.03
CA LYS B 401 4.38 2.54 17.30
C LYS B 401 5.32 3.11 18.39
N PRO B 402 4.98 2.89 19.69
CA PRO B 402 5.90 3.34 20.74
C PRO B 402 7.30 2.75 20.50
N GLY B 403 8.34 3.53 20.77
CA GLY B 403 9.70 3.13 20.47
C GLY B 403 10.20 3.59 19.10
N LYS B 404 9.32 4.15 18.28
CA LYS B 404 9.72 4.65 16.97
C LYS B 404 9.63 6.17 16.96
N ARG B 405 10.62 6.82 16.35
CA ARG B 405 10.59 8.26 16.09
C ARG B 405 9.40 8.62 15.19
N PRO B 406 8.68 9.70 15.54
CA PRO B 406 7.66 10.21 14.64
C PRO B 406 8.28 10.76 13.36
N ASP B 407 7.50 10.83 12.30
CA ASP B 407 7.99 11.35 11.04
C ASP B 407 6.78 11.89 10.26
N GLN B 408 7.04 12.57 9.14
CA GLN B 408 5.97 13.23 8.37
C GLN B 408 4.99 12.22 7.77
N TYR B 409 5.53 11.11 7.27
CA TYR B 409 4.74 10.04 6.70
C TYR B 409 3.75 9.41 7.71
N HIS B 410 4.25 9.09 8.91
CA HIS B 410 3.36 8.51 9.93
C HIS B 410 2.40 9.53 10.51
N THR B 411 2.80 10.79 10.51
CA THR B 411 1.92 11.87 10.93
C THR B 411 0.74 11.94 9.97
N CYS B 412 1.02 12.01 8.67
CA CYS B 412 -0.02 12.10 7.64
C CYS B 412 -0.92 10.87 7.63
N ASN B 413 -0.32 9.68 7.69
CA ASN B 413 -1.11 8.46 7.61
C ASN B 413 -1.88 8.10 8.90
N ASN B 414 -1.29 8.36 10.07
CA ASN B 414 -2.07 8.21 11.31
C ASN B 414 -3.30 9.11 11.28
N LEU B 415 -3.09 10.37 10.92
CA LEU B 415 -4.19 11.35 10.90
C LEU B 415 -5.23 11.04 9.83
N SER B 416 -4.77 10.59 8.67
CA SER B 416 -5.68 10.20 7.61
C SER B 416 -6.59 9.05 8.06
N GLY B 417 -5.98 8.03 8.70
CA GLY B 417 -6.74 6.91 9.25
C GLY B 417 -7.65 7.33 10.39
N LEU B 418 -7.13 8.21 11.27
CA LEU B 418 -7.97 8.76 12.36
C LEU B 418 -9.26 9.37 11.80
N SER B 419 -9.11 10.10 10.71
CA SER B 419 -10.22 10.80 10.07
C SER B 419 -11.29 9.82 9.58
N ILE B 420 -10.85 8.75 8.92
CA ILE B 420 -11.74 7.67 8.48
C ILE B 420 -12.47 7.03 9.66
N ALA B 421 -11.79 6.89 10.80
CA ALA B 421 -12.42 6.27 11.99
C ALA B 421 -13.43 7.22 12.65
N GLN B 422 -13.12 8.51 12.65
CA GLN B 422 -13.98 9.52 13.29
C GLN B 422 -15.24 9.79 12.48
N HIS B 423 -15.12 9.72 11.16
CA HIS B 423 -16.21 10.08 10.27
C HIS B 423 -16.63 8.91 9.39
N LYS B 424 -17.90 8.54 9.49
CA LYS B 424 -18.46 7.49 8.66
C LYS B 424 -18.58 7.93 7.20
N MET B 425 -17.70 7.41 6.34
CA MET B 425 -17.71 7.76 4.92
C MET B 425 -18.42 6.69 4.09
N SER B 426 -19.34 7.15 3.23
CA SER B 426 -20.11 6.30 2.33
C SER B 426 -19.97 6.86 0.94
N HIS B 427 -20.06 5.98 -0.05
CA HIS B 427 -20.20 6.41 -1.42
C HIS B 427 -21.69 6.32 -1.74
N SER B 428 -22.28 7.49 -1.96
CA SER B 428 -23.73 7.62 -2.00
C SER B 428 -24.29 7.65 -3.44
N PRO B 429 -25.06 6.61 -3.83
CA PRO B 429 -25.69 6.58 -5.17
C PRO B 429 -26.56 7.80 -5.47
N SER B 430 -27.27 8.31 -4.48
CA SER B 430 -28.12 9.48 -4.72
C SER B 430 -27.30 10.74 -4.90
N THR B 431 -26.15 10.83 -4.22
CA THR B 431 -25.22 11.94 -4.46
C THR B 431 -24.66 11.87 -5.90
N VAL B 432 -24.22 10.68 -6.30
CA VAL B 432 -23.75 10.47 -7.66
C VAL B 432 -24.84 10.88 -8.67
N SER B 433 -26.10 10.48 -8.42
CA SER B 433 -27.24 10.86 -9.26
C SER B 433 -27.41 12.36 -9.34
N SER B 434 -27.33 13.04 -8.19
CA SER B 434 -27.37 14.51 -8.12
C SER B 434 -26.26 15.12 -8.95
N ASN B 435 -25.05 14.58 -8.80
CA ASN B 435 -23.92 15.01 -9.63
C ASN B 435 -24.16 14.88 -11.13
N ARG B 436 -24.70 13.74 -11.57
CA ARG B 436 -25.04 13.55 -13.00
C ARG B 436 -25.98 14.63 -13.49
N LEU B 437 -26.97 14.96 -12.66
CA LEU B 437 -28.02 15.91 -13.00
C LEU B 437 -27.50 17.35 -13.16
N LYS B 438 -26.43 17.68 -12.44
CA LYS B 438 -25.86 19.02 -12.50
C LYS B 438 -24.66 19.17 -13.45
N PHE B 439 -24.11 18.05 -13.94
CA PHE B 439 -22.95 18.07 -14.83
C PHE B 439 -23.23 18.81 -16.13
N ASP B 440 -22.28 19.64 -16.55
CA ASP B 440 -22.39 20.37 -17.82
C ASP B 440 -21.35 19.82 -18.81
N ALA B 441 -21.83 18.99 -19.74
CA ALA B 441 -20.95 18.31 -20.72
C ALA B 441 -20.44 19.25 -21.80
N SER B 442 -21.07 20.42 -21.93
CA SER B 442 -20.64 21.41 -22.93
C SER B 442 -19.40 22.18 -22.45
N LYS B 443 -19.04 22.01 -21.18
CA LYS B 443 -17.89 22.67 -20.58
C LYS B 443 -16.78 21.66 -20.35
N GLY B 444 -15.55 22.03 -20.71
CA GLY B 444 -14.42 21.13 -20.53
C GLY B 444 -13.15 21.63 -21.19
N LEU B 445 -12.02 21.03 -20.80
CA LEU B 445 -10.72 21.34 -21.39
C LEU B 445 -10.53 20.49 -22.64
N PRO B 446 -9.53 20.83 -23.48
CA PRO B 446 -9.41 20.05 -24.72
C PRO B 446 -9.20 18.55 -24.49
N ALA B 447 -9.88 17.73 -25.30
CA ALA B 447 -9.69 16.28 -25.28
C ALA B 447 -8.21 15.91 -25.42
N VAL B 448 -7.77 14.86 -24.72
CA VAL B 448 -6.42 14.35 -24.93
C VAL B 448 -6.30 13.75 -26.32
N LYS B 449 -5.14 13.94 -26.96
CA LYS B 449 -4.85 13.31 -28.24
C LYS B 449 -4.22 11.94 -27.92
N PRO B 450 -4.90 10.84 -28.31
CA PRO B 450 -4.42 9.50 -27.99
C PRO B 450 -3.13 9.19 -28.73
N VAL B 451 -2.33 8.28 -28.18
CA VAL B 451 -1.10 7.81 -28.83
C VAL B 451 -1.39 7.01 -30.12
N ALA B 452 -2.30 6.06 -30.04
CA ALA B 452 -2.73 5.30 -31.21
C ALA B 452 -4.02 5.90 -31.75
N PRO B 453 -4.16 6.00 -33.09
CA PRO B 453 -5.30 6.69 -33.74
C PRO B 453 -6.70 6.37 -33.18
N GLY B 454 -6.97 5.10 -32.87
CA GLY B 454 -8.25 4.70 -32.28
C GLY B 454 -8.24 4.49 -30.77
N GLY B 455 -7.23 5.02 -30.10
CA GLY B 455 -7.07 4.91 -28.63
C GLY B 455 -8.00 5.78 -27.78
N GLY B 456 -8.67 6.75 -28.40
CA GLY B 456 -9.65 7.58 -27.70
C GLY B 456 -11.02 6.95 -27.60
N TRP B 457 -11.98 7.68 -27.02
CA TRP B 457 -13.39 7.30 -26.99
C TRP B 457 -13.94 7.33 -28.42
N LYS B 458 -14.88 6.44 -28.71
CA LYS B 458 -15.40 6.23 -30.07
C LYS B 458 -15.97 7.50 -30.66
N ASN B 459 -16.62 8.28 -29.82
CA ASN B 459 -17.17 9.56 -30.26
C ASN B 459 -17.40 10.49 -29.09
N GLU B 460 -18.00 11.63 -29.39
CA GLU B 460 -18.19 12.69 -28.42
C GLU B 460 -19.27 12.38 -27.39
N ASP B 461 -20.35 11.70 -27.78
CA ASP B 461 -21.33 11.19 -26.81
C ASP B 461 -20.68 10.26 -25.80
N GLU B 462 -19.81 9.37 -26.29
CA GLU B 462 -19.16 8.41 -25.39
C GLU B 462 -18.18 9.08 -24.46
N ARG B 463 -17.44 10.05 -24.98
CA ARG B 463 -16.46 10.76 -24.18
C ARG B 463 -17.16 11.57 -23.08
N GLN B 464 -18.20 12.30 -23.45
CA GLN B 464 -18.95 13.11 -22.50
C GLN B 464 -19.64 12.25 -21.44
N ASN B 465 -20.16 11.10 -21.85
CA ASN B 465 -20.73 10.17 -20.89
C ASN B 465 -19.68 9.68 -19.90
N ALA B 466 -18.47 9.41 -20.40
CA ALA B 466 -17.35 8.99 -19.55
C ALA B 466 -16.93 10.08 -18.56
N ARG B 467 -16.77 11.31 -19.08
CA ARG B 467 -16.46 12.49 -18.25
C ARG B 467 -17.48 12.65 -17.15
N ARG B 468 -18.76 12.59 -17.52
CA ARG B 468 -19.82 12.70 -16.54
C ARG B 468 -19.74 11.63 -15.45
N GLU B 469 -19.64 10.36 -15.84
CA GLU B 469 -19.59 9.25 -14.87
C GLU B 469 -18.38 9.38 -13.96
N ILE B 470 -17.23 9.66 -14.54
CA ILE B 470 -16.00 9.71 -13.77
C ILE B 470 -16.00 10.87 -12.76
N TRP B 471 -16.39 12.06 -13.24
CA TRP B 471 -16.51 13.21 -12.37
C TRP B 471 -17.59 12.98 -11.31
N ALA B 472 -18.74 12.45 -11.74
CA ALA B 472 -19.88 12.33 -10.81
C ALA B 472 -19.57 11.37 -9.67
N ASN B 473 -18.89 10.28 -10.00
CA ASN B 473 -18.49 9.27 -8.99
C ASN B 473 -17.32 9.71 -8.12
N ALA B 474 -16.37 10.42 -8.71
CA ALA B 474 -15.28 11.01 -7.93
C ALA B 474 -15.80 11.90 -6.78
N LEU B 475 -16.94 12.53 -6.99
CA LEU B 475 -17.55 13.40 -6.02
C LEU B 475 -18.70 12.73 -5.25
N GLY B 476 -18.68 11.39 -5.18
CA GLY B 476 -19.77 10.64 -4.56
C GLY B 476 -19.59 10.30 -3.09
N TRP B 477 -18.41 10.57 -2.52
CA TRP B 477 -18.17 10.24 -1.12
C TRP B 477 -18.77 11.28 -0.20
N ILE B 478 -19.51 10.83 0.81
CA ILE B 478 -20.15 11.73 1.75
C ILE B 478 -19.84 11.28 3.17
N GLU B 479 -19.90 12.22 4.09
CA GLU B 479 -19.85 11.88 5.49
C GLU B 479 -21.29 11.69 5.91
N GLU B 480 -21.61 10.52 6.47
CA GLU B 480 -22.97 10.29 6.92
C GLU B 480 -23.34 11.11 8.15
N GLU B 481 -24.44 11.83 8.03
CA GLU B 481 -25.01 12.60 9.13
C GLU B 481 -25.27 11.66 10.31
N GLY B 482 -24.74 12.03 11.48
CA GLY B 482 -24.93 11.22 12.70
C GLY B 482 -24.02 10.01 12.80
N GLY B 483 -23.12 9.84 11.84
CA GLY B 483 -22.16 8.73 11.88
C GLY B 483 -20.85 9.08 12.58
N GLU B 484 -20.78 10.27 13.16
CA GLU B 484 -19.53 10.76 13.72
C GLU B 484 -19.27 10.09 15.09
N ILE B 485 -18.07 9.57 15.29
CA ILE B 485 -17.64 9.07 16.62
C ILE B 485 -16.32 9.77 16.92
N ILE B 486 -16.33 10.71 17.87
CA ILE B 486 -15.09 11.38 18.27
C ILE B 486 -14.68 10.94 19.67
N VAL B 487 -13.84 9.91 19.72
CA VAL B 487 -13.32 9.38 20.96
C VAL B 487 -12.55 10.46 21.71
N GLY B 488 -12.90 10.65 22.98
CA GLY B 488 -12.21 11.59 23.86
C GLY B 488 -12.75 13.02 23.81
N GLY B 489 -13.80 13.24 23.02
CA GLY B 489 -14.48 14.54 23.01
C GLY B 489 -14.12 15.35 21.77
N LYS B 490 -14.87 16.42 21.54
CA LYS B 490 -14.86 17.08 20.22
C LYS B 490 -13.57 17.81 19.90
N ASP B 491 -12.77 18.14 20.92
CA ASP B 491 -11.46 18.75 20.66
C ASP B 491 -10.51 17.80 19.93
N ASN B 492 -10.82 16.49 19.94
CA ASN B 492 -10.03 15.52 19.14
C ASN B 492 -10.42 15.46 17.66
N ARG B 493 -11.54 16.08 17.30
CA ARG B 493 -12.06 16.02 15.93
C ARG B 493 -11.07 16.62 14.95
N ILE B 494 -10.78 15.87 13.89
CA ILE B 494 -10.06 16.45 12.77
C ILE B 494 -11.00 16.46 11.57
N ASN B 495 -10.54 17.05 10.46
CA ASN B 495 -11.40 17.17 9.30
C ASN B 495 -11.54 15.84 8.59
N THR B 496 -12.53 15.79 7.72
CA THR B 496 -12.91 14.61 7.00
C THR B 496 -12.07 14.44 5.71
N THR B 497 -11.32 13.35 5.61
CA THR B 497 -10.62 13.08 4.36
C THR B 497 -11.53 12.30 3.43
N THR B 498 -11.21 12.27 2.14
CA THR B 498 -12.01 11.54 1.18
C THR B 498 -11.35 10.17 0.95
N PRO B 499 -12.13 9.09 1.08
CA PRO B 499 -11.58 7.78 0.69
C PRO B 499 -11.10 7.83 -0.77
N VAL B 500 -10.21 6.91 -1.13
CA VAL B 500 -9.66 6.77 -2.49
C VAL B 500 -8.64 7.85 -2.82
N PHE B 501 -9.04 9.12 -2.72
CA PHE B 501 -8.15 10.24 -2.98
C PHE B 501 -7.23 10.61 -1.81
N ASN B 502 -7.78 10.57 -0.60
CA ASN B 502 -7.09 11.11 0.58
C ASN B 502 -6.72 12.59 0.52
N ILE B 503 -7.64 13.41 0.03
CA ILE B 503 -7.59 14.84 0.34
C ILE B 503 -8.97 15.19 0.88
N LEU B 504 -9.05 16.31 1.61
CA LEU B 504 -10.33 16.84 2.09
C LEU B 504 -11.30 17.05 0.92
N GLY B 505 -12.58 16.73 1.17
CA GLY B 505 -13.63 17.04 0.20
C GLY B 505 -13.60 18.48 -0.29
N LEU B 506 -13.32 19.40 0.62
CA LEU B 506 -13.33 20.84 0.31
C LEU B 506 -12.15 21.23 -0.59
N ARG B 507 -11.17 20.34 -0.71
CA ARG B 507 -10.08 20.51 -1.69
C ARG B 507 -10.43 19.83 -3.01
N LEU B 508 -10.93 18.60 -2.90
CA LEU B 508 -11.27 17.77 -4.05
C LEU B 508 -12.28 18.44 -4.98
N LYS B 509 -13.37 18.96 -4.41
CA LYS B 509 -14.46 19.52 -5.21
C LYS B 509 -14.00 20.67 -6.11
N PRO B 510 -13.41 21.74 -5.55
CA PRO B 510 -13.07 22.82 -6.50
C PRO B 510 -11.92 22.45 -7.45
N PHE B 511 -11.02 21.54 -7.01
CA PHE B 511 -9.90 21.08 -7.86
C PHE B 511 -10.40 20.32 -9.06
N ILE B 512 -11.19 19.28 -8.83
CA ILE B 512 -11.71 18.48 -9.94
C ILE B 512 -12.71 19.30 -10.77
N ASN B 513 -13.46 20.18 -10.12
CA ASN B 513 -14.36 21.06 -10.87
C ASN B 513 -13.59 21.98 -11.82
N TYR B 514 -12.38 22.36 -11.42
CA TYR B 514 -11.58 23.23 -12.25
C TYR B 514 -11.21 22.51 -13.55
N PHE B 515 -10.70 21.28 -13.44
CA PHE B 515 -10.23 20.56 -14.61
C PHE B 515 -11.34 20.07 -15.52
N TYR B 516 -12.55 19.97 -14.98
CA TYR B 516 -13.71 19.57 -15.77
C TYR B 516 -14.56 20.80 -16.13
N CYS B 517 -14.09 21.99 -15.76
CA CYS B 517 -14.80 23.26 -16.02
C CYS B 517 -16.25 23.29 -15.48
N GLN B 518 -16.42 22.74 -14.29
CA GLN B 518 -17.75 22.66 -13.70
C GLN B 518 -17.95 23.76 -12.67
N GLU B 519 -16.85 24.25 -12.09
CA GLU B 519 -16.85 25.36 -11.11
C GLU B 519 -18.20 26.08 -10.92
#